data_1BY5
#
_entry.id   1BY5
#
_cell.length_a   132.200
_cell.length_b   89.400
_cell.length_c   89.900
_cell.angle_alpha   90.00
_cell.angle_beta   95.40
_cell.angle_gamma   90.00
#
_symmetry.space_group_name_H-M   'C 1 2 1'
#
loop_
_entity.id
_entity.type
_entity.pdbx_description
1 polymer 'FERRIC HYDROXAMATE UPTAKE PROTEIN'
2 polymer FERRICHROME
3 non-polymer 'N-OCTYL-2-HYDROXYETHYL SULFOXIDE'
4 non-polymer 'FE (III) ION'
5 water water
#
loop_
_entity_poly.entity_id
_entity_poly.type
_entity_poly.pdbx_seq_one_letter_code
_entity_poly.pdbx_strand_id
1 'polypeptide(L)'
;AVEPKEDTITVTAAPAPQESAWGPAATIAARQSATGTKTDTPIQKVPQSISVVTAEEMALHQPKSVKEALSYTPGVSVGT
RGASNTYDHLIIRGFAAEGQSQNNYLNGLKLQGNFYNDAVIDPYMLERAEIMRGPVSVLYGKSSPGGLLNMVSKRPTTEP
LKEVQFKAGTDSLFQTGFDFSDSLDDDGVYSYRLTGLARSANAQQKGSEEQRYAIAPAFTWRPDDKTNFTFLSYFQNEPE
TGYYGWLPKEGTVEPLPNGKRLPTDFNEGAKNNTYSRNEKMVGYSFDHEFNDTFTVRQNLRFAENKTSQNSVYGYGVCSD
PANAYSKQCAALAPADKGHYLARKYVVDDEKLQNFSVDTQLQSKFATGDIDHTLLTGVDFMRMRNDINAWFGYDDSVPLL
NLYNPVNTDFDFNAKDPANSGPYRILNKQKQTGVYVQDQAQWDKVLVTLGGRYDWADQESLNRVAGTTDKRDDKQFTWRG
GVNYLFDNGVTPYFSYSESFEPSSQVGKDGNIFAPSKGKQYEVGVKYVPEDRPIVVTGAVYNLTKTNNLMADPEGSFFSV
EGGEIRARGVEIEAKRPLSASVNVVGSYTYTDAEYTTDTTYKGNTPAQVPKHMASLWADYTFFDGPLSGLTLGTGGRYTG
SSYGDPANSFKVGSYTVVDALVRYDLARVGMAGSNVALHVNNLFDREYVASCFNTYGCFWGAERQVVATATFRF
;
A
2 'polypeptide(L)' (AHO)(AHO)(AHO)GGG B
#
loop_
_chem_comp.id
_chem_comp.type
_chem_comp.name
_chem_comp.formula
FE non-polymer 'FE (III) ION' 'Fe 3'
OES non-polymer 'N-OCTYL-2-HYDROXYETHYL SULFOXIDE' 'C10 H22 O2 S'
#
# COMPACT_ATOMS: atom_id res chain seq x y z
N GLN A 18 2.65 -17.91 -22.42
CA GLN A 18 2.91 -18.93 -21.36
C GLN A 18 2.57 -18.37 -19.98
N GLU A 19 3.16 -17.23 -19.64
CA GLU A 19 2.92 -16.59 -18.36
C GLU A 19 1.47 -16.16 -18.20
N SER A 20 0.91 -16.40 -17.02
CA SER A 20 -0.46 -16.01 -16.74
C SER A 20 -0.47 -14.77 -15.82
N ALA A 21 -1.43 -13.90 -16.02
CA ALA A 21 -1.54 -12.68 -15.21
C ALA A 21 -1.87 -13.01 -13.76
N TRP A 22 -2.30 -14.24 -13.49
CA TRP A 22 -2.65 -14.67 -12.14
C TRP A 22 -1.67 -15.72 -11.61
N GLY A 23 -0.60 -15.96 -12.34
CA GLY A 23 0.39 -16.94 -11.93
C GLY A 23 1.78 -16.36 -11.77
N PRO A 24 2.80 -17.20 -11.61
CA PRO A 24 4.19 -16.74 -11.44
C PRO A 24 4.77 -16.24 -12.77
N ALA A 25 5.67 -15.26 -12.69
CA ALA A 25 6.33 -14.69 -13.87
C ALA A 25 7.70 -15.31 -14.03
N ALA A 26 8.03 -15.74 -15.24
CA ALA A 26 9.31 -16.38 -15.53
C ALA A 26 10.54 -15.60 -15.07
N THR A 27 10.48 -14.27 -15.08
CA THR A 27 11.62 -13.46 -14.65
C THR A 27 11.19 -12.20 -13.89
N ILE A 28 12.18 -11.41 -13.53
CA ILE A 28 11.96 -10.16 -12.80
C ILE A 28 11.05 -9.23 -13.59
N ALA A 29 10.96 -9.44 -14.90
CA ALA A 29 10.11 -8.60 -15.74
C ALA A 29 8.84 -9.34 -16.16
N ALA A 30 7.71 -8.91 -15.61
CA ALA A 30 6.42 -9.51 -15.93
C ALA A 30 5.91 -8.87 -17.20
N ARG A 31 5.16 -9.62 -17.99
CA ARG A 31 4.61 -9.11 -19.24
C ARG A 31 3.10 -9.19 -19.30
N GLN A 32 2.52 -9.98 -18.40
CA GLN A 32 1.05 -10.15 -18.33
C GLN A 32 0.55 -9.51 -17.04
N SER A 33 -0.66 -8.97 -17.10
CA SER A 33 -1.28 -8.35 -15.93
C SER A 33 -2.79 -8.19 -16.16
N ALA A 34 -3.57 -8.30 -15.09
CA ALA A 34 -5.02 -8.17 -15.18
C ALA A 34 -5.56 -7.05 -14.31
N THR A 35 -4.68 -6.30 -13.67
CA THR A 35 -5.14 -5.22 -12.82
C THR A 35 -5.76 -4.06 -13.61
N GLY A 36 -5.12 -3.71 -14.72
CA GLY A 36 -5.60 -2.61 -15.54
C GLY A 36 -6.83 -2.88 -16.37
N THR A 37 -7.09 -4.14 -16.69
CA THR A 37 -8.23 -4.47 -17.54
C THR A 37 -9.19 -5.57 -17.03
N LYS A 38 -8.76 -6.34 -16.03
CA LYS A 38 -9.53 -7.45 -15.47
C LYS A 38 -9.60 -8.61 -16.47
N THR A 39 -8.65 -8.61 -17.39
CA THR A 39 -8.51 -9.66 -18.40
C THR A 39 -7.00 -9.85 -18.48
N ASP A 40 -6.57 -11.07 -18.77
CA ASP A 40 -5.13 -11.33 -18.87
C ASP A 40 -4.61 -10.61 -20.10
N THR A 41 -4.12 -9.39 -19.91
CA THR A 41 -3.63 -8.57 -21.01
C THR A 41 -2.13 -8.25 -20.95
N PRO A 42 -1.43 -8.34 -22.09
CA PRO A 42 0.00 -8.03 -22.06
C PRO A 42 0.14 -6.57 -21.70
N ILE A 43 1.12 -6.25 -20.87
CA ILE A 43 1.32 -4.89 -20.41
C ILE A 43 1.40 -3.81 -21.50
N GLN A 44 1.88 -4.16 -22.68
CA GLN A 44 1.97 -3.17 -23.76
C GLN A 44 0.60 -2.75 -24.25
N LYS A 45 -0.40 -3.61 -24.05
CA LYS A 45 -1.75 -3.31 -24.54
C LYS A 45 -2.63 -2.67 -23.48
N VAL A 46 -2.03 -2.21 -22.38
CA VAL A 46 -2.78 -1.55 -21.32
C VAL A 46 -2.51 -0.05 -21.41
N PRO A 47 -3.58 0.75 -21.58
CA PRO A 47 -3.48 2.21 -21.68
C PRO A 47 -3.35 2.94 -20.35
N GLN A 48 -2.48 2.43 -19.48
CA GLN A 48 -2.24 3.03 -18.18
C GLN A 48 -0.95 2.51 -17.61
N SER A 49 -0.43 3.20 -16.60
CA SER A 49 0.82 2.81 -15.95
C SER A 49 0.57 1.72 -14.91
N ILE A 50 1.24 0.58 -15.10
CA ILE A 50 1.13 -0.57 -14.21
C ILE A 50 2.50 -1.12 -13.88
N SER A 51 2.80 -1.25 -12.60
CA SER A 51 4.08 -1.80 -12.17
C SER A 51 3.81 -3.15 -11.53
N VAL A 52 4.70 -4.12 -11.76
CA VAL A 52 4.52 -5.43 -11.19
C VAL A 52 5.78 -5.85 -10.45
N VAL A 53 5.67 -6.05 -9.14
CA VAL A 53 6.81 -6.50 -8.35
C VAL A 53 6.56 -7.99 -8.21
N THR A 54 7.49 -8.79 -8.70
CA THR A 54 7.37 -10.25 -8.65
C THR A 54 7.90 -10.86 -7.36
N ALA A 55 7.44 -12.07 -7.03
CA ALA A 55 7.89 -12.75 -5.82
C ALA A 55 9.41 -12.86 -5.89
N GLU A 56 9.91 -13.10 -7.09
CA GLU A 56 11.34 -13.24 -7.33
C GLU A 56 12.11 -12.00 -6.91
N GLU A 57 11.61 -10.82 -7.29
CA GLU A 57 12.28 -9.58 -6.94
C GLU A 57 12.21 -9.41 -5.42
N MET A 58 11.05 -9.70 -4.85
CA MET A 58 10.90 -9.57 -3.41
C MET A 58 11.92 -10.46 -2.67
N ALA A 59 12.14 -11.67 -3.17
CA ALA A 59 13.10 -12.58 -2.55
C ALA A 59 14.49 -11.95 -2.50
N LEU A 60 14.71 -10.97 -3.36
CA LEU A 60 16.00 -10.29 -3.43
C LEU A 60 16.25 -9.42 -2.21
N HIS A 61 15.20 -8.73 -1.75
CA HIS A 61 15.30 -7.81 -0.63
C HIS A 61 14.73 -8.26 0.71
N GLN A 62 13.99 -9.37 0.72
CA GLN A 62 13.40 -9.88 1.94
C GLN A 62 12.69 -8.80 2.77
N PRO A 63 11.60 -8.21 2.22
CA PRO A 63 10.83 -7.17 2.91
C PRO A 63 9.86 -7.73 3.93
N LYS A 64 9.60 -6.96 4.99
CA LYS A 64 8.67 -7.37 6.04
C LYS A 64 7.24 -6.96 5.68
N SER A 65 7.11 -6.04 4.74
CA SER A 65 5.80 -5.58 4.32
C SER A 65 5.79 -5.34 2.82
N VAL A 66 4.60 -5.28 2.25
CA VAL A 66 4.44 -5.04 0.83
C VAL A 66 4.90 -3.63 0.53
N LYS A 67 4.78 -2.77 1.53
CA LYS A 67 5.19 -1.37 1.42
C LYS A 67 6.69 -1.28 1.12
N GLU A 68 7.48 -2.08 1.84
CA GLU A 68 8.92 -2.09 1.63
C GLU A 68 9.27 -2.65 0.26
N ALA A 69 8.49 -3.61 -0.21
CA ALA A 69 8.73 -4.23 -1.51
C ALA A 69 8.54 -3.23 -2.64
N LEU A 70 7.81 -2.14 -2.37
CA LEU A 70 7.57 -1.15 -3.39
C LEU A 70 8.62 -0.03 -3.44
N SER A 71 9.64 -0.14 -2.58
CA SER A 71 10.73 0.84 -2.47
C SER A 71 11.33 1.30 -3.80
N TYR A 72 11.26 0.44 -4.82
CA TYR A 72 11.83 0.77 -6.11
C TYR A 72 10.83 1.13 -7.18
N THR A 73 9.54 1.13 -6.82
CA THR A 73 8.50 1.46 -7.78
C THR A 73 8.26 2.95 -7.94
N PRO A 74 8.21 3.43 -9.20
CA PRO A 74 7.99 4.84 -9.51
C PRO A 74 6.62 5.36 -9.13
N GLY A 75 6.57 6.65 -8.79
CA GLY A 75 5.32 7.30 -8.43
C GLY A 75 4.65 6.80 -7.17
N VAL A 76 5.40 6.06 -6.37
CA VAL A 76 4.89 5.54 -5.12
C VAL A 76 5.82 5.93 -3.99
N SER A 77 5.25 6.51 -2.94
CA SER A 77 6.02 6.91 -1.77
C SER A 77 5.79 5.89 -0.66
N VAL A 78 6.88 5.26 -0.19
CA VAL A 78 6.77 4.26 0.86
C VAL A 78 7.25 4.77 2.22
N GLY A 79 7.28 6.09 2.39
CA GLY A 79 7.76 6.64 3.64
C GLY A 79 6.81 7.48 4.49
N THR A 80 5.49 7.28 4.35
CA THR A 80 4.53 8.05 5.13
C THR A 80 4.53 7.71 6.63
N ARG A 81 5.30 6.70 7.04
CA ARG A 81 5.40 6.32 8.45
C ARG A 81 6.82 5.90 8.78
N GLY A 82 7.74 6.16 7.87
CA GLY A 82 9.12 5.78 8.11
C GLY A 82 9.28 4.29 8.33
N ALA A 83 10.08 3.94 9.33
CA ALA A 83 10.36 2.55 9.65
C ALA A 83 9.16 1.69 10.07
N SER A 84 8.06 2.32 10.48
CA SER A 84 6.86 1.57 10.88
C SER A 84 6.13 0.84 9.75
N ASN A 85 5.80 -0.43 9.97
CA ASN A 85 5.09 -1.23 8.98
C ASN A 85 3.70 -1.65 9.47
N THR A 86 3.11 -0.86 10.37
CA THR A 86 1.79 -1.17 10.90
C THR A 86 0.77 -1.31 9.77
N TYR A 87 0.79 -0.33 8.86
CA TYR A 87 -0.11 -0.34 7.72
C TYR A 87 0.68 -0.17 6.44
N ASP A 88 0.14 -0.73 5.35
CA ASP A 88 0.77 -0.58 4.07
C ASP A 88 0.11 0.67 3.43
N HIS A 89 0.21 1.80 4.11
CA HIS A 89 -0.34 3.04 3.60
C HIS A 89 0.60 3.61 2.55
N LEU A 90 0.04 3.99 1.41
CA LEU A 90 0.85 4.53 0.32
C LEU A 90 0.30 5.83 -0.24
N ILE A 91 1.18 6.58 -0.88
CA ILE A 91 0.83 7.81 -1.57
C ILE A 91 1.30 7.51 -2.97
N ILE A 92 0.38 7.55 -3.92
CA ILE A 92 0.69 7.27 -5.31
C ILE A 92 0.41 8.54 -6.08
N ARG A 93 1.45 9.07 -6.72
CA ARG A 93 1.33 10.30 -7.48
C ARG A 93 0.72 11.42 -6.67
N GLY A 94 1.24 11.62 -5.46
CA GLY A 94 0.78 12.69 -4.59
C GLY A 94 -0.56 12.54 -3.91
N PHE A 95 -1.26 11.42 -4.11
CA PHE A 95 -2.55 11.25 -3.48
C PHE A 95 -2.66 10.00 -2.60
N ALA A 96 -3.56 10.08 -1.63
CA ALA A 96 -3.82 8.97 -0.70
C ALA A 96 -5.31 9.01 -0.41
N ALA A 97 -5.86 7.91 0.09
CA ALA A 97 -7.29 7.88 0.39
C ALA A 97 -7.57 8.82 1.55
N GLU A 98 -8.79 9.31 1.67
CA GLU A 98 -9.16 10.22 2.75
C GLU A 98 -9.17 9.49 4.08
N GLY A 99 -8.86 10.21 5.15
CA GLY A 99 -8.89 9.63 6.47
C GLY A 99 -7.72 8.76 6.88
N GLN A 100 -6.63 8.77 6.11
CA GLN A 100 -5.45 7.96 6.42
C GLN A 100 -5.69 6.46 6.27
N SER A 101 -6.46 6.08 5.25
CA SER A 101 -6.77 4.67 4.99
C SER A 101 -5.97 4.12 3.83
N GLN A 102 -5.77 2.82 3.84
CA GLN A 102 -5.08 2.16 2.75
C GLN A 102 -6.05 2.13 1.59
N ASN A 103 -5.55 1.79 0.41
CA ASN A 103 -6.38 1.67 -0.76
C ASN A 103 -5.78 0.46 -1.46
N ASN A 104 -5.88 -0.69 -0.79
CA ASN A 104 -5.31 -1.93 -1.29
C ASN A 104 -6.35 -2.97 -1.72
N TYR A 105 -5.96 -3.78 -2.69
CA TYR A 105 -6.80 -4.84 -3.22
C TYR A 105 -6.04 -6.15 -3.18
N LEU A 106 -6.79 -7.25 -3.14
CA LEU A 106 -6.22 -8.60 -3.10
C LEU A 106 -6.98 -9.42 -4.12
N ASN A 107 -6.28 -9.99 -5.08
CA ASN A 107 -6.93 -10.80 -6.10
C ASN A 107 -8.09 -10.06 -6.80
N GLY A 108 -7.93 -8.76 -7.04
CA GLY A 108 -8.95 -7.97 -7.72
C GLY A 108 -10.15 -7.51 -6.91
N LEU A 109 -10.17 -7.81 -5.62
CA LEU A 109 -11.25 -7.39 -4.75
C LEU A 109 -10.62 -6.56 -3.66
N LYS A 110 -11.28 -5.47 -3.29
CA LYS A 110 -10.75 -4.57 -2.28
C LYS A 110 -10.86 -5.02 -0.82
N LEU A 111 -9.79 -4.77 -0.07
CA LEU A 111 -9.75 -5.07 1.36
C LEU A 111 -10.26 -3.77 2.00
N GLN A 112 -11.57 -3.55 1.93
CA GLN A 112 -12.15 -2.33 2.48
C GLN A 112 -11.95 -2.26 3.98
N GLY A 113 -11.18 -1.27 4.41
CA GLY A 113 -10.93 -1.09 5.82
C GLY A 113 -11.66 0.14 6.29
N ASN A 114 -11.52 0.46 7.57
CA ASN A 114 -12.18 1.62 8.13
C ASN A 114 -11.49 2.03 9.44
N PHE A 115 -11.35 3.33 9.65
CA PHE A 115 -10.69 3.88 10.82
C PHE A 115 -9.31 3.25 11.06
N TYR A 116 -9.18 2.41 12.08
CA TYR A 116 -7.89 1.76 12.34
C TYR A 116 -7.91 0.34 11.81
N ASN A 117 -9.10 -0.14 11.48
CA ASN A 117 -9.24 -1.49 11.00
C ASN A 117 -8.90 -1.62 9.51
N ASP A 118 -7.61 -1.84 9.25
CA ASP A 118 -7.09 -2.00 7.91
C ASP A 118 -6.25 -3.29 7.86
N ALA A 119 -6.61 -4.19 6.95
CA ALA A 119 -5.92 -5.46 6.80
C ALA A 119 -4.59 -5.35 6.10
N VAL A 120 -3.73 -6.33 6.34
CA VAL A 120 -2.41 -6.37 5.78
C VAL A 120 -2.06 -7.80 5.39
N ILE A 121 -1.45 -7.98 4.22
CA ILE A 121 -1.05 -9.32 3.76
C ILE A 121 0.47 -9.35 3.68
N ASP A 122 1.08 -10.41 4.21
CA ASP A 122 2.53 -10.54 4.21
C ASP A 122 3.07 -10.90 2.82
N PRO A 123 4.15 -10.22 2.38
CA PRO A 123 4.76 -10.48 1.07
C PRO A 123 5.11 -11.94 0.77
N TYR A 124 5.39 -12.72 1.80
CA TYR A 124 5.74 -14.12 1.59
C TYR A 124 4.56 -14.90 1.01
N MET A 125 3.34 -14.39 1.17
CA MET A 125 2.15 -15.08 0.65
C MET A 125 1.73 -14.59 -0.73
N LEU A 126 2.49 -13.65 -1.29
CA LEU A 126 2.14 -13.08 -2.59
C LEU A 126 2.95 -13.58 -3.78
N GLU A 127 2.27 -13.65 -4.91
CA GLU A 127 2.91 -14.03 -6.15
C GLU A 127 3.36 -12.73 -6.80
N ARG A 128 2.53 -11.70 -6.62
CA ARG A 128 2.79 -10.40 -7.18
C ARG A 128 2.23 -9.28 -6.33
N ALA A 129 2.73 -8.08 -6.60
CA ALA A 129 2.28 -6.87 -5.94
C ALA A 129 2.27 -5.91 -7.13
N GLU A 130 1.07 -5.55 -7.58
CA GLU A 130 0.94 -4.69 -8.73
C GLU A 130 0.39 -3.31 -8.39
N ILE A 131 1.02 -2.30 -8.97
CA ILE A 131 0.62 -0.91 -8.76
C ILE A 131 -0.01 -0.33 -10.02
N MET A 132 -1.18 0.28 -9.83
CA MET A 132 -1.91 0.89 -10.92
C MET A 132 -1.95 2.37 -10.63
N ARG A 133 -1.29 3.16 -11.48
CA ARG A 133 -1.25 4.61 -11.29
C ARG A 133 -2.41 5.36 -11.94
N GLY A 134 -2.93 6.37 -11.24
CA GLY A 134 -4.03 7.15 -11.78
C GLY A 134 -5.41 6.56 -11.53
N PRO A 135 -6.48 7.24 -12.01
CA PRO A 135 -7.86 6.79 -11.85
C PRO A 135 -8.14 5.36 -12.35
N VAL A 136 -8.95 4.62 -11.60
CA VAL A 136 -9.27 3.25 -11.95
C VAL A 136 -10.72 2.91 -11.61
N SER A 137 -11.50 3.90 -11.20
CA SER A 137 -12.90 3.64 -10.84
C SER A 137 -13.67 2.91 -11.93
N VAL A 138 -13.30 3.14 -13.19
CA VAL A 138 -14.02 2.50 -14.30
C VAL A 138 -14.06 0.97 -14.18
N LEU A 139 -13.19 0.43 -13.35
CA LEU A 139 -13.11 -1.02 -13.20
C LEU A 139 -13.25 -1.47 -11.76
N TYR A 140 -13.00 -0.56 -10.82
CA TYR A 140 -13.07 -0.92 -9.39
C TYR A 140 -14.03 -0.17 -8.48
N GLY A 141 -14.60 0.93 -8.95
CA GLY A 141 -15.52 1.68 -8.10
C GLY A 141 -14.82 2.82 -7.40
N LYS A 142 -15.42 3.31 -6.32
CA LYS A 142 -14.83 4.42 -5.58
C LYS A 142 -13.34 4.19 -5.27
N SER A 143 -12.52 5.20 -5.54
CA SER A 143 -11.09 5.11 -5.29
C SER A 143 -10.35 6.42 -5.34
N SER A 144 -9.23 6.48 -4.62
CA SER A 144 -8.40 7.66 -4.60
C SER A 144 -7.93 7.92 -6.04
N PRO A 145 -7.72 9.20 -6.40
CA PRO A 145 -7.26 9.54 -7.74
C PRO A 145 -5.88 8.97 -8.04
N GLY A 146 -5.03 8.97 -7.02
CA GLY A 146 -3.67 8.50 -7.15
C GLY A 146 -3.45 7.10 -7.69
N GLY A 147 -4.37 6.19 -7.42
CA GLY A 147 -4.20 4.83 -7.90
C GLY A 147 -4.49 3.79 -6.83
N LEU A 148 -4.10 2.55 -7.07
CA LEU A 148 -4.36 1.47 -6.12
C LEU A 148 -3.31 0.37 -6.13
N LEU A 149 -3.30 -0.45 -5.08
CA LEU A 149 -2.37 -1.57 -5.00
C LEU A 149 -3.22 -2.83 -5.08
N ASN A 150 -2.77 -3.79 -5.87
CA ASN A 150 -3.49 -5.04 -6.02
C ASN A 150 -2.48 -6.15 -5.82
N MET A 151 -2.67 -6.93 -4.76
CA MET A 151 -1.77 -8.04 -4.47
C MET A 151 -2.39 -9.31 -5.05
N VAL A 152 -1.54 -10.20 -5.55
CA VAL A 152 -2.00 -11.46 -6.13
C VAL A 152 -1.42 -12.61 -5.32
N SER A 153 -2.32 -13.35 -4.67
CA SER A 153 -1.95 -14.49 -3.83
C SER A 153 -1.25 -15.59 -4.61
N LYS A 154 -0.47 -16.39 -3.90
CA LYS A 154 0.22 -17.53 -4.51
C LYS A 154 -0.89 -18.54 -4.73
N ARG A 155 -0.68 -19.48 -5.65
CA ARG A 155 -1.70 -20.50 -5.89
C ARG A 155 -1.03 -21.84 -6.05
N PRO A 156 -1.82 -22.92 -6.08
CA PRO A 156 -1.25 -24.26 -6.25
C PRO A 156 -0.40 -24.35 -7.52
N THR A 157 0.82 -24.83 -7.35
CA THR A 157 1.81 -24.97 -8.42
C THR A 157 1.55 -26.13 -9.38
N THR A 158 2.17 -26.07 -10.56
CA THR A 158 2.05 -27.12 -11.56
C THR A 158 2.84 -28.32 -11.04
N GLU A 159 4.11 -28.09 -10.75
CA GLU A 159 5.00 -29.12 -10.23
C GLU A 159 5.05 -29.01 -8.71
N PRO A 160 5.59 -30.04 -8.04
CA PRO A 160 5.68 -30.04 -6.59
C PRO A 160 6.54 -28.91 -6.01
N LEU A 161 6.17 -28.45 -4.82
CA LEU A 161 6.92 -27.39 -4.16
C LEU A 161 6.97 -27.73 -2.67
N LYS A 162 8.18 -27.87 -2.13
CA LYS A 162 8.36 -28.19 -0.72
C LYS A 162 9.46 -27.32 -0.11
N GLU A 163 9.10 -26.08 0.21
CA GLU A 163 10.07 -25.14 0.75
C GLU A 163 9.97 -24.82 2.24
N VAL A 164 11.13 -24.63 2.85
CA VAL A 164 11.24 -24.27 4.26
C VAL A 164 12.25 -23.13 4.26
N GLN A 165 11.92 -22.04 4.94
CA GLN A 165 12.79 -20.87 4.97
C GLN A 165 13.05 -20.38 6.38
N PHE A 166 14.31 -20.13 6.68
CA PHE A 166 14.72 -19.65 8.00
C PHE A 166 15.34 -18.26 7.88
N LYS A 167 14.95 -17.36 8.77
CA LYS A 167 15.48 -15.99 8.76
C LYS A 167 15.97 -15.58 10.14
N ALA A 168 17.03 -14.81 10.16
CA ALA A 168 17.59 -14.29 11.39
C ALA A 168 18.30 -12.99 11.03
N GLY A 169 17.99 -11.92 11.74
CA GLY A 169 18.62 -10.64 11.43
C GLY A 169 18.73 -9.68 12.59
N THR A 170 19.14 -8.45 12.30
CA THR A 170 19.30 -7.42 13.31
C THR A 170 18.00 -7.07 14.03
N ASP A 171 18.14 -6.57 15.25
CA ASP A 171 17.01 -6.21 16.10
C ASP A 171 16.20 -7.43 16.48
N SER A 172 16.91 -8.53 16.76
CA SER A 172 16.29 -9.78 17.19
C SER A 172 15.21 -10.33 16.28
N LEU A 173 15.37 -10.14 14.98
CA LEU A 173 14.40 -10.67 14.04
C LEU A 173 14.61 -12.17 13.85
N PHE A 174 13.53 -12.93 13.98
CA PHE A 174 13.58 -14.36 13.76
C PHE A 174 12.33 -14.73 12.99
N GLN A 175 12.51 -15.49 11.92
CA GLN A 175 11.39 -15.90 11.10
C GLN A 175 11.62 -17.28 10.53
N THR A 176 10.53 -18.03 10.49
CA THR A 176 10.54 -19.35 9.93
C THR A 176 9.26 -19.39 9.09
N GLY A 177 9.38 -19.91 7.89
CA GLY A 177 8.23 -20.00 7.02
C GLY A 177 8.32 -21.26 6.19
N PHE A 178 7.21 -21.62 5.56
CA PHE A 178 7.19 -22.80 4.72
C PHE A 178 6.17 -22.59 3.61
N ASP A 179 6.39 -23.29 2.50
CA ASP A 179 5.53 -23.17 1.32
C ASP A 179 5.45 -24.56 0.70
N PHE A 180 4.25 -25.13 0.74
CA PHE A 180 4.04 -26.47 0.20
C PHE A 180 2.91 -26.51 -0.81
N SER A 181 3.16 -27.20 -1.92
CA SER A 181 2.15 -27.33 -2.96
C SER A 181 2.34 -28.64 -3.70
N ASP A 182 1.24 -29.30 -4.04
CA ASP A 182 1.29 -30.57 -4.76
C ASP A 182 -0.13 -30.98 -5.19
N SER A 183 -0.21 -32.09 -5.91
CA SER A 183 -1.49 -32.63 -6.34
C SER A 183 -1.85 -33.71 -5.35
N LEU A 184 -3.10 -34.11 -5.34
CA LEU A 184 -3.53 -35.15 -4.42
C LEU A 184 -3.95 -36.37 -5.23
N ASP A 185 -3.93 -36.22 -6.54
CA ASP A 185 -4.30 -37.29 -7.46
C ASP A 185 -3.36 -37.30 -8.66
N ASP A 186 -3.41 -38.38 -9.44
CA ASP A 186 -2.57 -38.54 -10.61
C ASP A 186 -2.75 -37.44 -11.67
N ASP A 187 -3.98 -37.29 -12.15
CA ASP A 187 -4.30 -36.33 -13.20
C ASP A 187 -4.12 -34.84 -12.88
N GLY A 188 -4.12 -34.50 -11.60
CA GLY A 188 -3.96 -33.10 -11.24
C GLY A 188 -5.29 -32.38 -11.17
N VAL A 189 -6.32 -33.10 -10.73
CA VAL A 189 -7.66 -32.55 -10.59
C VAL A 189 -7.73 -31.74 -9.30
N TYR A 190 -7.03 -32.23 -8.26
CA TYR A 190 -6.99 -31.56 -6.98
C TYR A 190 -5.57 -31.26 -6.56
N SER A 191 -5.29 -29.98 -6.31
CA SER A 191 -3.98 -29.56 -5.86
C SER A 191 -4.22 -28.61 -4.71
N TYR A 192 -3.20 -28.42 -3.89
CA TYR A 192 -3.31 -27.53 -2.74
C TYR A 192 -2.01 -26.77 -2.62
N ARG A 193 -2.02 -25.80 -1.71
CA ARG A 193 -0.86 -25.01 -1.39
C ARG A 193 -1.04 -24.49 0.01
N LEU A 194 -0.04 -24.71 0.85
CA LEU A 194 -0.10 -24.24 2.24
C LEU A 194 1.14 -23.40 2.50
N THR A 195 0.92 -22.15 2.87
CA THR A 195 2.01 -21.23 3.14
C THR A 195 1.83 -20.67 4.55
N GLY A 196 2.94 -20.58 5.29
CA GLY A 196 2.84 -20.06 6.64
C GLY A 196 4.13 -19.47 7.14
N LEU A 197 4.04 -18.59 8.13
CA LEU A 197 5.23 -18.02 8.69
C LEU A 197 4.96 -17.53 10.08
N ALA A 198 6.02 -17.50 10.88
CA ALA A 198 5.95 -17.04 12.26
C ALA A 198 7.15 -16.11 12.34
N ARG A 199 6.91 -14.89 12.82
CA ARG A 199 7.98 -13.93 12.91
C ARG A 199 7.90 -13.14 14.18
N SER A 200 9.05 -13.01 14.84
CA SER A 200 9.16 -12.26 16.08
C SER A 200 10.33 -11.34 15.85
N ALA A 201 10.23 -10.11 16.33
CA ALA A 201 11.33 -9.16 16.17
C ALA A 201 11.09 -7.93 17.02
N ASN A 202 12.16 -7.18 17.26
CA ASN A 202 12.05 -5.96 18.02
C ASN A 202 11.83 -4.84 17.03
N ALA A 203 11.11 -3.81 17.43
CA ALA A 203 10.88 -2.67 16.56
C ALA A 203 12.15 -1.83 16.62
N GLN A 204 12.34 -0.97 15.63
CA GLN A 204 13.51 -0.11 15.62
C GLN A 204 13.55 0.69 16.92
N GLN A 205 12.39 1.18 17.36
CA GLN A 205 12.34 1.96 18.59
C GLN A 205 12.26 1.09 19.83
N LYS A 206 13.08 1.42 20.83
CA LYS A 206 13.14 0.68 22.08
C LYS A 206 11.78 0.44 22.73
N GLY A 207 11.59 -0.76 23.26
CA GLY A 207 10.34 -1.09 23.92
C GLY A 207 9.27 -1.70 23.04
N SER A 208 9.30 -1.43 21.74
CA SER A 208 8.30 -1.98 20.84
C SER A 208 8.73 -3.29 20.19
N GLU A 209 7.76 -4.17 19.97
CA GLU A 209 8.05 -5.45 19.33
C GLU A 209 7.05 -5.74 18.22
N GLU A 210 7.44 -6.65 17.33
CA GLU A 210 6.61 -7.07 16.21
C GLU A 210 6.47 -8.58 16.21
N GLN A 211 5.24 -9.06 16.06
CA GLN A 211 4.96 -10.49 16.01
C GLN A 211 3.88 -10.75 14.99
N ARG A 212 4.09 -11.78 14.18
CA ARG A 212 3.13 -12.15 13.17
C ARG A 212 3.10 -13.65 12.97
N TYR A 213 1.90 -14.19 12.87
CA TYR A 213 1.72 -15.61 12.64
C TYR A 213 0.65 -15.67 11.56
N ALA A 214 1.01 -16.22 10.42
CA ALA A 214 0.08 -16.29 9.31
C ALA A 214 0.13 -17.64 8.63
N ILE A 215 -1.01 -18.05 8.11
CA ILE A 215 -1.16 -19.32 7.42
C ILE A 215 -2.11 -19.04 6.25
N ALA A 216 -1.82 -19.62 5.10
CA ALA A 216 -2.66 -19.40 3.92
C ALA A 216 -3.01 -20.68 3.18
N PRO A 217 -4.13 -21.34 3.54
CA PRO A 217 -4.55 -22.58 2.86
C PRO A 217 -5.20 -22.26 1.51
N ALA A 218 -4.93 -23.08 0.50
CA ALA A 218 -5.51 -22.89 -0.82
C ALA A 218 -5.69 -24.24 -1.51
N PHE A 219 -6.67 -24.32 -2.40
CA PHE A 219 -6.95 -25.55 -3.14
C PHE A 219 -7.50 -25.21 -4.51
N THR A 220 -7.07 -25.96 -5.51
CA THR A 220 -7.56 -25.74 -6.85
C THR A 220 -8.22 -26.99 -7.36
N TRP A 221 -9.46 -26.84 -7.82
CA TRP A 221 -10.20 -27.97 -8.37
C TRP A 221 -10.42 -27.73 -9.86
N ARG A 222 -10.00 -28.70 -10.67
CA ARG A 222 -10.15 -28.63 -12.12
C ARG A 222 -10.90 -29.82 -12.67
N PRO A 223 -12.23 -29.85 -12.54
CA PRO A 223 -12.93 -31.02 -13.08
C PRO A 223 -12.62 -31.27 -14.56
N ASP A 224 -12.34 -30.19 -15.31
CA ASP A 224 -11.99 -30.31 -16.73
C ASP A 224 -11.00 -29.20 -17.11
N ASP A 225 -10.51 -29.23 -18.35
CA ASP A 225 -9.53 -28.23 -18.78
C ASP A 225 -10.10 -26.85 -19.06
N LYS A 226 -11.41 -26.70 -18.88
CA LYS A 226 -12.07 -25.41 -19.12
C LYS A 226 -12.62 -24.82 -17.83
N THR A 227 -12.36 -25.50 -16.71
CA THR A 227 -12.88 -25.05 -15.43
C THR A 227 -11.87 -25.05 -14.30
N ASN A 228 -11.76 -23.94 -13.60
CA ASN A 228 -10.83 -23.79 -12.49
C ASN A 228 -11.51 -23.16 -11.28
N PHE A 229 -11.49 -23.88 -10.16
CA PHE A 229 -12.07 -23.37 -8.93
C PHE A 229 -10.98 -23.33 -7.86
N THR A 230 -10.47 -22.14 -7.58
CA THR A 230 -9.43 -22.01 -6.56
C THR A 230 -9.94 -21.40 -5.26
N PHE A 231 -9.87 -22.19 -4.20
CA PHE A 231 -10.27 -21.73 -2.89
C PHE A 231 -9.09 -20.99 -2.30
N LEU A 232 -9.35 -19.87 -1.65
CA LEU A 232 -8.29 -19.08 -1.07
C LEU A 232 -8.66 -18.60 0.33
N SER A 233 -7.78 -18.84 1.29
CA SER A 233 -8.02 -18.43 2.66
C SER A 233 -6.73 -17.89 3.25
N TYR A 234 -6.87 -17.06 4.27
CA TYR A 234 -5.73 -16.44 4.92
C TYR A 234 -6.08 -16.15 6.37
N PHE A 235 -5.22 -16.58 7.27
CA PHE A 235 -5.44 -16.35 8.69
C PHE A 235 -4.18 -15.78 9.28
N GLN A 236 -4.30 -14.64 9.93
CA GLN A 236 -3.16 -13.99 10.50
C GLN A 236 -3.42 -13.33 11.85
N ASN A 237 -2.48 -13.57 12.77
CA ASN A 237 -2.56 -13.02 14.10
C ASN A 237 -1.31 -12.24 14.46
N GLU A 238 -1.49 -11.00 14.88
CA GLU A 238 -0.38 -10.15 15.25
C GLU A 238 -0.60 -9.62 16.66
N PRO A 239 -0.05 -10.30 17.68
CA PRO A 239 -0.20 -9.87 19.06
C PRO A 239 0.36 -8.45 19.25
N GLU A 240 1.35 -8.11 18.42
CA GLU A 240 1.97 -6.78 18.44
C GLU A 240 2.41 -6.39 17.03
N THR A 241 1.92 -5.24 16.57
CA THR A 241 2.22 -4.74 15.25
C THR A 241 3.43 -3.78 15.21
N GLY A 242 3.87 -3.33 16.38
CA GLY A 242 5.01 -2.43 16.44
C GLY A 242 4.71 -0.99 16.79
N TYR A 243 5.68 -0.12 16.49
CA TYR A 243 5.56 1.30 16.78
C TYR A 243 4.68 2.04 15.76
N TYR A 244 3.99 3.07 16.24
CA TYR A 244 3.10 3.84 15.39
C TYR A 244 2.87 5.20 16.04
N GLY A 245 3.93 5.82 16.53
CA GLY A 245 3.80 7.11 17.18
C GLY A 245 4.23 8.31 16.34
N TRP A 246 4.19 9.48 16.97
CA TRP A 246 4.56 10.73 16.32
C TRP A 246 5.74 11.38 17.04
N LEU A 247 6.67 11.90 16.26
CA LEU A 247 7.83 12.59 16.80
C LEU A 247 7.76 14.01 16.21
N PRO A 248 8.06 15.03 17.03
CA PRO A 248 8.01 16.41 16.52
C PRO A 248 9.20 16.72 15.61
N LYS A 249 9.07 17.77 14.80
CA LYS A 249 10.17 18.13 13.90
C LYS A 249 11.35 18.60 14.75
N GLU A 250 11.06 19.14 15.93
CA GLU A 250 12.09 19.60 16.85
C GLU A 250 12.71 18.39 17.55
N GLY A 251 13.87 17.96 17.07
CA GLY A 251 14.53 16.79 17.63
C GLY A 251 14.73 15.75 16.54
N THR A 252 14.06 15.96 15.41
CA THR A 252 14.17 15.04 14.28
C THR A 252 14.76 15.76 13.07
N VAL A 253 13.96 16.60 12.41
CA VAL A 253 14.46 17.33 11.24
C VAL A 253 15.44 18.42 11.65
N GLU A 254 15.10 19.15 12.70
CA GLU A 254 15.97 20.21 13.21
C GLU A 254 16.38 19.82 14.62
N PRO A 255 17.56 20.29 15.07
CA PRO A 255 18.02 19.95 16.42
C PRO A 255 17.16 20.60 17.50
N LEU A 256 17.23 20.05 18.72
CA LEU A 256 16.47 20.60 19.83
C LEU A 256 17.20 21.87 20.28
N PRO A 257 16.56 22.68 21.15
CA PRO A 257 17.22 23.90 21.60
C PRO A 257 18.64 23.74 22.14
N ASN A 258 18.99 22.53 22.55
CA ASN A 258 20.34 22.29 23.07
C ASN A 258 21.28 21.79 21.99
N GLY A 259 20.85 21.91 20.74
CA GLY A 259 21.67 21.48 19.61
C GLY A 259 21.76 19.98 19.38
N LYS A 260 20.96 19.19 20.10
CA LYS A 260 20.99 17.75 19.92
C LYS A 260 19.72 17.20 19.27
N ARG A 261 19.81 15.95 18.80
CA ARG A 261 18.67 15.30 18.18
C ARG A 261 18.24 14.06 18.95
N LEU A 262 17.00 13.64 18.72
CA LEU A 262 16.49 12.44 19.37
C LEU A 262 17.00 11.25 18.58
N PRO A 263 17.47 10.20 19.27
CA PRO A 263 17.97 9.00 18.61
C PRO A 263 16.91 8.35 17.69
N THR A 264 17.38 7.63 16.68
CA THR A 264 16.46 7.00 15.74
C THR A 264 15.56 5.95 16.42
N ASP A 265 16.01 5.39 17.53
CA ASP A 265 15.22 4.39 18.23
C ASP A 265 14.34 4.98 19.33
N PHE A 266 14.20 6.30 19.34
CA PHE A 266 13.40 6.95 20.37
C PHE A 266 11.94 6.50 20.33
N ASN A 267 11.34 6.38 21.52
CA ASN A 267 9.95 5.97 21.64
C ASN A 267 9.30 6.88 22.66
N GLU A 268 8.30 7.65 22.25
CA GLU A 268 7.63 8.55 23.17
C GLU A 268 6.35 7.95 23.79
N GLY A 269 6.07 6.69 23.47
CA GLY A 269 4.88 6.08 24.02
C GLY A 269 5.06 5.52 25.42
N ALA A 270 3.95 5.09 26.03
CA ALA A 270 4.01 4.51 27.35
C ALA A 270 4.73 3.18 27.21
N LYS A 271 5.26 2.68 28.32
CA LYS A 271 5.98 1.42 28.32
C LYS A 271 5.03 0.24 28.15
N ASN A 272 3.75 0.45 28.46
CA ASN A 272 2.75 -0.60 28.32
C ASN A 272 1.83 -0.40 27.12
N ASN A 273 2.34 0.27 26.08
CA ASN A 273 1.58 0.50 24.86
C ASN A 273 1.41 -0.87 24.22
N THR A 274 0.32 -1.04 23.48
CA THR A 274 0.08 -2.31 22.84
C THR A 274 -0.78 -2.07 21.61
N TYR A 275 -0.50 -2.80 20.54
CA TYR A 275 -1.22 -2.66 19.27
C TYR A 275 -1.31 -4.04 18.63
N SER A 276 -2.52 -4.54 18.43
CA SER A 276 -2.67 -5.87 17.84
C SER A 276 -3.70 -5.92 16.71
N ARG A 277 -3.60 -6.97 15.89
CA ARG A 277 -4.51 -7.14 14.75
C ARG A 277 -4.76 -8.61 14.47
N ASN A 278 -5.95 -8.91 13.97
CA ASN A 278 -6.32 -10.28 13.65
C ASN A 278 -7.07 -10.32 12.32
N GLU A 279 -6.66 -11.22 11.42
CA GLU A 279 -7.28 -11.31 10.10
C GLU A 279 -7.73 -12.69 9.68
N LYS A 280 -8.98 -12.81 9.26
CA LYS A 280 -9.55 -14.08 8.80
C LYS A 280 -10.20 -13.86 7.44
N MET A 281 -9.80 -14.62 6.44
CA MET A 281 -10.37 -14.45 5.11
C MET A 281 -10.61 -15.75 4.39
N VAL A 282 -11.78 -15.86 3.77
CA VAL A 282 -12.08 -17.04 2.98
C VAL A 282 -12.72 -16.51 1.69
N GLY A 283 -12.50 -17.23 0.61
CA GLY A 283 -13.06 -16.80 -0.65
C GLY A 283 -12.55 -17.68 -1.76
N TYR A 284 -12.86 -17.33 -3.00
CA TYR A 284 -12.41 -18.13 -4.11
C TYR A 284 -12.29 -17.33 -5.38
N SER A 285 -11.75 -17.98 -6.39
CA SER A 285 -11.58 -17.41 -7.70
C SER A 285 -12.05 -18.53 -8.60
N PHE A 286 -13.01 -18.23 -9.47
CA PHE A 286 -13.57 -19.24 -10.34
C PHE A 286 -13.65 -18.73 -11.77
N ASP A 287 -13.31 -19.59 -12.72
CA ASP A 287 -13.41 -19.24 -14.14
C ASP A 287 -13.81 -20.48 -14.92
N HIS A 288 -14.52 -20.27 -16.01
CA HIS A 288 -14.98 -21.36 -16.86
C HIS A 288 -15.09 -20.84 -18.29
N GLU A 289 -14.46 -21.56 -19.21
CA GLU A 289 -14.51 -21.21 -20.62
C GLU A 289 -15.55 -22.12 -21.26
N PHE A 290 -16.58 -21.54 -21.87
CA PHE A 290 -17.61 -22.33 -22.52
C PHE A 290 -17.10 -22.76 -23.89
N ASN A 291 -16.47 -21.81 -24.56
CA ASN A 291 -15.93 -22.01 -25.89
C ASN A 291 -15.03 -20.82 -26.19
N ASP A 292 -14.54 -20.72 -27.42
CA ASP A 292 -13.65 -19.63 -27.78
C ASP A 292 -14.31 -18.26 -27.73
N THR A 293 -15.62 -18.24 -27.46
CA THR A 293 -16.34 -16.97 -27.41
C THR A 293 -16.63 -16.47 -26.00
N PHE A 294 -17.09 -17.36 -25.12
CA PHE A 294 -17.44 -16.95 -23.77
C PHE A 294 -16.67 -17.58 -22.62
N THR A 295 -16.41 -16.76 -21.61
CA THR A 295 -15.74 -17.18 -20.40
C THR A 295 -16.40 -16.46 -19.24
N VAL A 296 -16.68 -17.21 -18.19
CA VAL A 296 -17.30 -16.64 -17.01
C VAL A 296 -16.21 -16.64 -15.94
N ARG A 297 -16.19 -15.60 -15.12
CA ARG A 297 -15.17 -15.50 -14.10
C ARG A 297 -15.81 -14.90 -12.86
N GLN A 298 -15.48 -15.44 -11.69
CA GLN A 298 -16.02 -14.92 -10.45
C GLN A 298 -15.09 -14.96 -9.25
N ASN A 299 -14.96 -13.82 -8.57
CA ASN A 299 -14.13 -13.73 -7.39
C ASN A 299 -14.97 -13.29 -6.20
N LEU A 300 -14.80 -13.97 -5.07
CA LEU A 300 -15.52 -13.57 -3.87
C LEU A 300 -14.70 -13.79 -2.62
N ARG A 301 -14.91 -12.94 -1.63
CA ARG A 301 -14.20 -13.05 -0.38
C ARG A 301 -15.01 -12.47 0.76
N PHE A 302 -14.83 -13.09 1.91
CA PHE A 302 -15.48 -12.64 3.12
C PHE A 302 -14.35 -12.45 4.13
N ALA A 303 -14.27 -11.27 4.71
CA ALA A 303 -13.22 -11.01 5.67
C ALA A 303 -13.75 -10.45 6.98
N GLU A 304 -13.13 -10.92 8.05
CA GLU A 304 -13.46 -10.48 9.39
C GLU A 304 -12.14 -10.09 10.03
N ASN A 305 -11.90 -8.80 10.15
CA ASN A 305 -10.67 -8.31 10.73
C ASN A 305 -10.94 -7.57 12.02
N LYS A 306 -9.98 -7.66 12.95
CA LYS A 306 -10.10 -7.02 14.25
C LYS A 306 -8.79 -6.33 14.63
N THR A 307 -8.89 -5.24 15.37
CA THR A 307 -7.70 -4.54 15.83
C THR A 307 -7.96 -3.85 17.16
N SER A 308 -6.96 -3.88 18.03
CA SER A 308 -7.01 -3.25 19.33
C SER A 308 -5.71 -2.59 19.65
N GLN A 309 -5.79 -1.49 20.38
CA GLN A 309 -4.60 -0.76 20.76
C GLN A 309 -4.84 0.07 22.00
N ASN A 310 -3.75 0.27 22.73
CA ASN A 310 -3.68 1.10 23.93
C ASN A 310 -2.47 1.90 23.50
N SER A 311 -2.67 3.12 23.02
CA SER A 311 -1.51 3.87 22.55
C SER A 311 -1.33 5.30 23.01
N VAL A 312 -0.23 5.56 23.70
CA VAL A 312 0.11 6.91 24.08
C VAL A 312 1.01 7.34 22.93
N TYR A 313 0.72 8.48 22.32
CA TYR A 313 1.52 8.97 21.21
C TYR A 313 1.84 10.43 21.48
N GLY A 314 2.90 10.91 20.86
CA GLY A 314 3.27 12.30 21.08
C GLY A 314 2.36 13.21 20.29
N TYR A 315 2.40 14.49 20.62
CA TYR A 315 1.60 15.48 19.91
C TYR A 315 2.41 16.74 19.69
N GLY A 316 3.73 16.60 19.69
CA GLY A 316 4.59 17.75 19.47
C GLY A 316 5.03 18.47 20.73
N VAL A 317 6.09 19.27 20.61
CA VAL A 317 6.61 20.03 21.72
C VAL A 317 5.60 21.05 22.20
N CYS A 318 5.80 21.53 23.42
CA CYS A 318 4.90 22.50 24.06
C CYS A 318 4.83 23.89 23.39
N SER A 319 5.88 24.25 22.65
CA SER A 319 5.92 25.54 21.96
C SER A 319 5.16 25.47 20.63
N ASP A 320 4.71 24.27 20.27
CA ASP A 320 3.99 24.05 19.02
C ASP A 320 2.54 24.54 19.11
N PRO A 321 2.08 25.29 18.10
CA PRO A 321 0.72 25.84 18.04
C PRO A 321 -0.34 24.83 18.44
N ALA A 322 -0.12 23.57 18.08
CA ALA A 322 -1.05 22.48 18.39
C ALA A 322 -1.37 22.39 19.87
N ASN A 323 -0.43 22.81 20.70
CA ASN A 323 -0.65 22.74 22.14
C ASN A 323 -0.91 24.11 22.77
N ALA A 324 -1.58 24.97 22.01
CA ALA A 324 -1.92 26.33 22.44
C ALA A 324 -2.45 26.37 23.86
N TYR A 325 -3.60 25.73 24.12
CA TYR A 325 -4.09 25.75 25.48
C TYR A 325 -4.04 24.41 26.19
N SER A 326 -2.84 24.08 26.65
CA SER A 326 -2.56 22.87 27.39
C SER A 326 -2.16 23.36 28.77
N LYS A 327 -3.01 23.09 29.76
CA LYS A 327 -2.73 23.51 31.12
C LYS A 327 -1.36 23.03 31.60
N GLN A 328 -0.87 21.92 31.05
CA GLN A 328 0.43 21.38 31.43
C GLN A 328 1.59 22.12 30.77
N CYS A 329 1.40 22.49 29.51
CA CYS A 329 2.44 23.21 28.78
C CYS A 329 2.55 24.65 29.27
N ALA A 330 1.42 25.21 29.70
CA ALA A 330 1.37 26.59 30.18
C ALA A 330 2.13 26.75 31.49
N ALA A 331 2.04 25.74 32.35
CA ALA A 331 2.70 25.74 33.64
C ALA A 331 4.19 25.43 33.49
N LEU A 332 4.78 25.94 32.41
CA LEU A 332 6.20 25.71 32.16
C LEU A 332 6.92 27.00 31.83
N ALA A 333 8.16 27.12 32.30
CA ALA A 333 8.96 28.29 32.00
C ALA A 333 9.00 28.37 30.48
N PRO A 334 8.69 29.53 29.89
CA PRO A 334 8.70 29.68 28.43
C PRO A 334 9.94 29.08 27.79
N ALA A 335 11.07 29.12 28.51
CA ALA A 335 12.31 28.57 28.00
C ALA A 335 12.26 27.04 27.93
N ASP A 336 11.46 26.45 28.81
CA ASP A 336 11.31 25.00 28.89
C ASP A 336 10.34 24.40 27.88
N LYS A 337 9.52 25.23 27.24
CA LYS A 337 8.54 24.74 26.29
C LYS A 337 9.15 24.14 25.02
N GLY A 338 10.44 24.34 24.81
CA GLY A 338 11.09 23.83 23.61
C GLY A 338 11.62 22.41 23.63
N HIS A 339 11.67 21.79 24.82
CA HIS A 339 12.18 20.44 24.90
C HIS A 339 11.22 19.51 25.64
N TYR A 340 10.00 19.98 25.86
CA TYR A 340 8.98 19.16 26.51
C TYR A 340 7.99 18.77 25.43
N LEU A 341 7.73 17.47 25.33
CA LEU A 341 6.82 16.93 24.32
C LEU A 341 5.45 16.55 24.89
N ALA A 342 4.40 17.11 24.31
CA ALA A 342 3.04 16.83 24.75
C ALA A 342 2.60 15.50 24.18
N ARG A 343 1.71 14.83 24.91
CA ARG A 343 1.24 13.52 24.47
C ARG A 343 -0.24 13.32 24.77
N LYS A 344 -0.83 12.36 24.06
CA LYS A 344 -2.23 12.01 24.23
C LYS A 344 -2.31 10.49 24.11
N TYR A 345 -3.52 9.95 24.27
CA TYR A 345 -3.69 8.50 24.17
C TYR A 345 -4.99 8.15 23.46
N VAL A 346 -5.07 6.91 23.01
CA VAL A 346 -6.24 6.40 22.34
C VAL A 346 -6.38 4.92 22.69
N VAL A 347 -7.58 4.53 23.09
CA VAL A 347 -7.85 3.14 23.40
C VAL A 347 -8.88 2.75 22.35
N ASP A 348 -8.48 1.88 21.44
CA ASP A 348 -9.34 1.47 20.35
C ASP A 348 -9.62 -0.02 20.35
N ASP A 349 -10.74 -0.38 19.75
CA ASP A 349 -11.16 -1.77 19.68
C ASP A 349 -12.17 -1.84 18.55
N GLU A 350 -11.76 -2.35 17.40
CA GLU A 350 -12.66 -2.42 16.26
C GLU A 350 -12.90 -3.84 15.75
N LYS A 351 -14.01 -4.01 15.05
CA LYS A 351 -14.39 -5.30 14.47
C LYS A 351 -15.03 -5.02 13.11
N LEU A 352 -14.50 -5.67 12.08
CA LEU A 352 -14.99 -5.43 10.74
C LEU A 352 -15.29 -6.68 9.93
N GLN A 353 -16.34 -6.57 9.12
CA GLN A 353 -16.74 -7.66 8.23
C GLN A 353 -16.82 -7.08 6.83
N ASN A 354 -16.27 -7.78 5.87
CA ASN A 354 -16.30 -7.31 4.49
C ASN A 354 -16.71 -8.48 3.61
N PHE A 355 -17.69 -8.26 2.75
CA PHE A 355 -18.15 -9.29 1.83
C PHE A 355 -18.08 -8.69 0.43
N SER A 356 -17.39 -9.37 -0.47
CA SER A 356 -17.23 -8.86 -1.82
C SER A 356 -17.41 -9.93 -2.87
N VAL A 357 -17.98 -9.53 -4.00
CA VAL A 357 -18.21 -10.45 -5.11
C VAL A 357 -18.14 -9.70 -6.43
N ASP A 358 -17.33 -10.21 -7.35
CA ASP A 358 -17.20 -9.60 -8.66
C ASP A 358 -17.44 -10.75 -9.64
N THR A 359 -18.46 -10.60 -10.49
CA THR A 359 -18.79 -11.64 -11.46
C THR A 359 -18.66 -11.07 -12.86
N GLN A 360 -17.85 -11.72 -13.69
CA GLN A 360 -17.60 -11.24 -15.04
C GLN A 360 -17.93 -12.20 -16.17
N LEU A 361 -18.32 -11.63 -17.30
CA LEU A 361 -18.60 -12.40 -18.50
C LEU A 361 -17.68 -11.76 -19.55
N GLN A 362 -16.81 -12.57 -20.15
CA GLN A 362 -15.89 -12.09 -21.16
C GLN A 362 -16.25 -12.72 -22.50
N SER A 363 -16.49 -11.87 -23.48
CA SER A 363 -16.86 -12.32 -24.82
C SER A 363 -15.85 -11.90 -25.88
N LYS A 364 -15.42 -12.85 -26.70
CA LYS A 364 -14.48 -12.58 -27.78
C LYS A 364 -15.18 -12.85 -29.11
N PHE A 365 -15.24 -11.83 -29.96
CA PHE A 365 -15.90 -11.95 -31.25
C PHE A 365 -15.38 -10.90 -32.21
N ALA A 366 -15.51 -11.16 -33.50
CA ALA A 366 -15.03 -10.21 -34.49
C ALA A 366 -16.13 -9.57 -35.32
N THR A 367 -15.87 -8.33 -35.74
CA THR A 367 -16.78 -7.59 -36.59
C THR A 367 -15.88 -7.14 -37.74
N GLY A 368 -15.71 -8.01 -38.72
CA GLY A 368 -14.86 -7.71 -39.85
C GLY A 368 -13.41 -7.97 -39.55
N ASP A 369 -12.59 -6.92 -39.62
CA ASP A 369 -11.17 -7.01 -39.36
C ASP A 369 -10.92 -6.64 -37.90
N ILE A 370 -11.99 -6.19 -37.26
CA ILE A 370 -11.90 -5.77 -35.86
C ILE A 370 -12.18 -6.90 -34.89
N ASP A 371 -11.17 -7.27 -34.11
CA ASP A 371 -11.32 -8.31 -33.11
C ASP A 371 -11.73 -7.65 -31.79
N HIS A 372 -12.67 -8.25 -31.09
CA HIS A 372 -13.15 -7.70 -29.83
C HIS A 372 -12.95 -8.59 -28.62
N THR A 373 -12.86 -7.95 -27.46
CA THR A 373 -12.77 -8.59 -26.16
C THR A 373 -13.67 -7.71 -25.31
N LEU A 374 -14.91 -8.16 -25.13
CA LEU A 374 -15.91 -7.42 -24.38
C LEU A 374 -16.06 -7.95 -22.95
N LEU A 375 -16.00 -7.04 -21.99
CA LEU A 375 -16.11 -7.41 -20.59
C LEU A 375 -17.29 -6.69 -19.96
N THR A 376 -18.18 -7.46 -19.34
CA THR A 376 -19.32 -6.90 -18.64
C THR A 376 -19.36 -7.58 -17.28
N GLY A 377 -19.53 -6.79 -16.23
CA GLY A 377 -19.57 -7.37 -14.91
C GLY A 377 -20.40 -6.61 -13.88
N VAL A 378 -20.69 -7.32 -12.78
CA VAL A 378 -21.43 -6.76 -11.67
C VAL A 378 -20.49 -6.92 -10.49
N ASP A 379 -20.17 -5.80 -9.87
CA ASP A 379 -19.23 -5.79 -8.76
C ASP A 379 -19.84 -5.12 -7.53
N PHE A 380 -19.84 -5.80 -6.39
CA PHE A 380 -20.41 -5.19 -5.20
C PHE A 380 -19.70 -5.61 -3.91
N MET A 381 -19.87 -4.81 -2.86
CA MET A 381 -19.25 -5.11 -1.59
C MET A 381 -20.05 -4.51 -0.44
N ARG A 382 -20.04 -5.20 0.70
CA ARG A 382 -20.72 -4.75 1.91
C ARG A 382 -19.66 -4.71 2.99
N MET A 383 -19.67 -3.66 3.80
CA MET A 383 -18.70 -3.56 4.87
C MET A 383 -19.24 -2.85 6.09
N ARG A 384 -19.01 -3.44 7.26
CA ARG A 384 -19.44 -2.83 8.49
C ARG A 384 -18.27 -2.89 9.46
N ASN A 385 -18.05 -1.79 10.17
CA ASN A 385 -16.99 -1.75 11.14
C ASN A 385 -17.56 -1.17 12.44
N ASP A 386 -17.35 -1.90 13.53
CA ASP A 386 -17.85 -1.48 14.83
C ASP A 386 -16.69 -0.92 15.64
N ILE A 387 -16.75 0.38 15.92
CA ILE A 387 -15.71 1.08 16.65
C ILE A 387 -16.09 1.45 18.09
N ASN A 388 -15.28 0.98 19.04
CA ASN A 388 -15.48 1.26 20.46
C ASN A 388 -14.15 1.79 20.99
N ALA A 389 -13.97 3.09 20.89
CA ALA A 389 -12.75 3.71 21.32
C ALA A 389 -12.97 4.78 22.38
N TRP A 390 -11.85 5.32 22.85
CA TRP A 390 -11.79 6.35 23.86
C TRP A 390 -10.58 7.18 23.50
N PHE A 391 -10.75 8.50 23.49
CA PHE A 391 -9.66 9.42 23.13
C PHE A 391 -9.28 10.40 24.24
N GLY A 392 -7.98 10.50 24.50
CA GLY A 392 -7.50 11.43 25.49
C GLY A 392 -7.26 12.75 24.78
N TYR A 393 -7.60 13.86 25.41
CA TYR A 393 -7.42 15.17 24.80
C TYR A 393 -6.14 15.85 25.29
N ASP A 394 -6.15 17.18 25.35
CA ASP A 394 -4.97 17.94 25.75
C ASP A 394 -4.06 17.47 26.87
N ASP A 395 -4.55 17.45 28.10
CA ASP A 395 -3.70 17.05 29.21
C ASP A 395 -4.06 15.67 29.79
N SER A 396 -4.25 14.71 28.90
CA SER A 396 -4.62 13.35 29.29
C SER A 396 -3.46 12.44 29.70
N VAL A 397 -2.24 12.81 29.31
CA VAL A 397 -1.07 12.03 29.68
C VAL A 397 0.07 13.00 29.96
N PRO A 398 0.81 12.79 31.06
CA PRO A 398 1.93 13.66 31.47
C PRO A 398 2.95 13.99 30.38
N LEU A 399 3.49 15.21 30.43
CA LEU A 399 4.49 15.66 29.47
C LEU A 399 5.68 14.72 29.49
N LEU A 400 6.47 14.76 28.43
CA LEU A 400 7.66 13.93 28.34
C LEU A 400 8.85 14.85 28.14
N ASN A 401 9.75 14.88 29.11
CA ASN A 401 10.94 15.72 29.03
C ASN A 401 11.89 15.10 28.01
N LEU A 402 12.03 15.75 26.86
CA LEU A 402 12.91 15.23 25.83
C LEU A 402 14.40 15.22 26.23
N TYR A 403 14.76 16.02 27.23
CA TYR A 403 16.16 16.06 27.70
C TYR A 403 16.40 14.91 28.68
N ASN A 404 15.36 14.52 29.40
CA ASN A 404 15.47 13.44 30.36
C ASN A 404 14.19 12.59 30.27
N PRO A 405 14.04 11.85 29.17
CA PRO A 405 12.86 11.00 28.96
C PRO A 405 12.74 9.86 29.95
N VAL A 406 11.55 9.74 30.55
CA VAL A 406 11.27 8.71 31.52
C VAL A 406 10.13 7.83 31.05
N ASN A 407 10.42 6.60 30.70
CA ASN A 407 9.38 5.70 30.22
C ASN A 407 8.73 4.93 31.35
N THR A 408 7.41 5.06 31.46
CA THR A 408 6.66 4.38 32.51
C THR A 408 5.32 3.86 31.99
N ASP A 409 4.67 3.04 32.80
CA ASP A 409 3.38 2.51 32.43
C ASP A 409 2.37 3.65 32.45
N PHE A 410 1.32 3.50 31.65
CA PHE A 410 0.26 4.50 31.59
C PHE A 410 -1.03 3.81 31.93
N ASP A 411 -1.86 4.44 32.75
CA ASP A 411 -3.12 3.81 33.12
C ASP A 411 -4.20 4.18 32.10
N PHE A 412 -4.51 3.23 31.23
CA PHE A 412 -5.52 3.44 30.20
C PHE A 412 -6.95 3.28 30.73
N ASN A 413 -7.10 2.70 31.92
CA ASN A 413 -8.41 2.49 32.52
C ASN A 413 -8.96 3.75 33.17
N ALA A 414 -8.06 4.58 33.70
CA ALA A 414 -8.46 5.82 34.35
C ALA A 414 -8.93 6.78 33.27
N LYS A 415 -10.17 6.60 32.84
CA LYS A 415 -10.74 7.44 31.80
C LYS A 415 -11.35 8.73 32.34
N ASP A 416 -10.49 9.62 32.83
CA ASP A 416 -10.90 10.91 33.39
C ASP A 416 -11.76 11.69 32.39
N PRO A 417 -13.04 11.88 32.70
CA PRO A 417 -14.00 12.62 31.84
C PRO A 417 -13.65 14.08 31.61
N ALA A 418 -12.74 14.61 32.42
CA ALA A 418 -12.35 16.00 32.29
C ALA A 418 -11.33 16.26 31.18
N ASN A 419 -10.71 15.20 30.67
CA ASN A 419 -9.71 15.34 29.62
C ASN A 419 -9.75 14.23 28.57
N SER A 420 -10.86 13.50 28.51
CA SER A 420 -10.99 12.41 27.56
C SER A 420 -12.47 12.06 27.37
N GLY A 421 -12.80 11.54 26.20
CA GLY A 421 -14.19 11.17 25.92
C GLY A 421 -14.29 9.91 25.11
N PRO A 422 -15.48 9.26 25.07
CA PRO A 422 -15.68 8.03 24.32
C PRO A 422 -15.88 8.30 22.82
N TYR A 423 -15.73 7.25 22.03
CA TYR A 423 -15.91 7.37 20.58
C TYR A 423 -16.41 6.02 20.10
N ARG A 424 -17.73 5.86 20.08
CA ARG A 424 -18.34 4.62 19.65
C ARG A 424 -19.16 4.85 18.38
N ILE A 425 -18.67 4.29 17.28
CA ILE A 425 -19.33 4.45 15.99
C ILE A 425 -19.53 3.13 15.27
N LEU A 426 -20.57 3.07 14.44
CA LEU A 426 -20.84 1.89 13.65
C LEU A 426 -20.94 2.33 12.20
N ASN A 427 -19.86 2.17 11.45
CA ASN A 427 -19.85 2.56 10.06
C ASN A 427 -20.25 1.42 9.15
N LYS A 428 -21.10 1.73 8.19
CA LYS A 428 -21.56 0.75 7.21
C LYS A 428 -21.29 1.36 5.84
N GLN A 429 -20.86 0.52 4.90
CA GLN A 429 -20.59 0.97 3.54
C GLN A 429 -21.07 -0.11 2.61
N LYS A 430 -21.54 0.32 1.45
CA LYS A 430 -21.99 -0.63 0.45
C LYS A 430 -21.80 0.02 -0.88
N GLN A 431 -21.46 -0.80 -1.87
CA GLN A 431 -21.27 -0.31 -3.21
C GLN A 431 -21.61 -1.43 -4.16
N THR A 432 -22.36 -1.10 -5.19
CA THR A 432 -22.75 -2.03 -6.22
C THR A 432 -22.43 -1.27 -7.51
N GLY A 433 -21.83 -1.95 -8.47
CA GLY A 433 -21.49 -1.26 -9.69
C GLY A 433 -21.65 -2.17 -10.86
N VAL A 434 -21.95 -1.59 -12.01
CA VAL A 434 -22.11 -2.32 -13.25
C VAL A 434 -21.11 -1.66 -14.17
N TYR A 435 -20.37 -2.47 -14.91
CA TYR A 435 -19.37 -1.90 -15.80
C TYR A 435 -19.26 -2.71 -17.08
N VAL A 436 -18.81 -2.05 -18.13
CA VAL A 436 -18.65 -2.69 -19.42
C VAL A 436 -17.37 -2.12 -20.04
N GLN A 437 -16.60 -2.99 -20.68
CA GLN A 437 -15.36 -2.59 -21.30
C GLN A 437 -15.12 -3.40 -22.56
N ASP A 438 -14.50 -2.78 -23.55
CA ASP A 438 -14.19 -3.47 -24.78
C ASP A 438 -12.79 -3.10 -25.20
N GLN A 439 -12.04 -4.10 -25.65
CA GLN A 439 -10.68 -3.90 -26.10
C GLN A 439 -10.74 -4.34 -27.56
N ALA A 440 -11.01 -3.38 -28.44
CA ALA A 440 -11.10 -3.66 -29.87
C ALA A 440 -9.76 -3.40 -30.56
N GLN A 441 -9.33 -4.37 -31.36
CA GLN A 441 -8.06 -4.25 -32.06
C GLN A 441 -8.15 -4.43 -33.58
N TRP A 442 -7.69 -3.42 -34.31
CA TRP A 442 -7.68 -3.43 -35.76
C TRP A 442 -6.22 -3.32 -36.23
N ASP A 443 -5.73 -4.38 -36.85
CA ASP A 443 -4.36 -4.41 -37.33
C ASP A 443 -3.40 -4.15 -36.18
N LYS A 444 -2.73 -2.99 -36.17
CA LYS A 444 -1.79 -2.67 -35.11
C LYS A 444 -2.34 -1.64 -34.13
N VAL A 445 -3.60 -1.25 -34.31
CA VAL A 445 -4.23 -0.28 -33.43
C VAL A 445 -5.14 -0.95 -32.41
N LEU A 446 -5.10 -0.47 -31.17
CA LEU A 446 -5.92 -1.05 -30.12
C LEU A 446 -6.59 0.08 -29.34
N VAL A 447 -7.91 -0.05 -29.18
CA VAL A 447 -8.68 0.95 -28.47
C VAL A 447 -9.36 0.33 -27.27
N THR A 448 -9.11 0.90 -26.09
CA THR A 448 -9.73 0.41 -24.87
C THR A 448 -10.78 1.41 -24.42
N LEU A 449 -12.03 0.95 -24.44
CA LEU A 449 -13.15 1.78 -24.05
C LEU A 449 -13.95 1.07 -22.96
N GLY A 450 -14.49 1.84 -22.03
CA GLY A 450 -15.25 1.25 -20.96
C GLY A 450 -15.90 2.27 -20.04
N GLY A 451 -16.94 1.83 -19.35
CA GLY A 451 -17.64 2.69 -18.42
C GLY A 451 -18.20 1.90 -17.26
N ARG A 452 -18.45 2.60 -16.16
CA ARG A 452 -18.98 1.97 -14.97
C ARG A 452 -19.90 2.93 -14.22
N TYR A 453 -21.00 2.39 -13.71
CA TYR A 453 -21.94 3.18 -12.93
C TYR A 453 -22.00 2.59 -11.53
N ASP A 454 -21.76 3.44 -10.52
CA ASP A 454 -21.75 2.99 -9.14
C ASP A 454 -22.81 3.58 -8.23
N TRP A 455 -23.31 2.71 -7.36
CA TRP A 455 -24.28 3.08 -6.33
C TRP A 455 -23.48 2.86 -5.03
N ALA A 456 -23.07 3.95 -4.41
CA ALA A 456 -22.28 3.90 -3.17
C ALA A 456 -23.02 4.54 -2.00
N ASP A 457 -23.44 3.71 -1.04
CA ASP A 457 -24.16 4.22 0.12
C ASP A 457 -23.35 4.05 1.41
N GLN A 458 -23.42 5.05 2.28
CA GLN A 458 -22.70 5.00 3.54
C GLN A 458 -23.62 5.44 4.67
N GLU A 459 -23.44 4.82 5.82
CA GLU A 459 -24.25 5.12 6.99
C GLU A 459 -23.37 5.04 8.23
N SER A 460 -23.37 6.13 9.01
CA SER A 460 -22.56 6.19 10.23
C SER A 460 -23.43 6.49 11.45
N LEU A 461 -23.54 5.52 12.34
CA LEU A 461 -24.33 5.66 13.56
C LEU A 461 -23.45 5.94 14.77
N ASN A 462 -23.71 7.06 15.44
CA ASN A 462 -22.97 7.44 16.63
C ASN A 462 -23.73 6.88 17.82
N ARG A 463 -23.18 5.87 18.48
CA ARG A 463 -23.87 5.27 19.61
C ARG A 463 -24.03 6.21 20.80
N VAL A 464 -23.10 7.14 20.96
CA VAL A 464 -23.18 8.07 22.08
C VAL A 464 -24.24 9.13 21.85
N ALA A 465 -24.14 9.84 20.73
CA ALA A 465 -25.09 10.91 20.40
C ALA A 465 -26.48 10.38 20.02
N GLY A 466 -26.51 9.18 19.43
CA GLY A 466 -27.77 8.60 19.02
C GLY A 466 -28.15 9.05 17.61
N THR A 467 -27.27 9.88 17.02
CA THR A 467 -27.49 10.39 15.68
C THR A 467 -27.15 9.34 14.62
N THR A 468 -27.44 9.67 13.36
CA THR A 468 -27.17 8.78 12.25
C THR A 468 -27.03 9.58 10.96
N ASP A 469 -25.85 9.51 10.35
CA ASP A 469 -25.59 10.23 9.11
C ASP A 469 -25.53 9.28 7.92
N LYS A 470 -26.27 9.60 6.87
CA LYS A 470 -26.30 8.76 5.67
C LYS A 470 -26.07 9.57 4.40
N ARG A 471 -25.80 8.87 3.31
CA ARG A 471 -25.62 9.50 2.01
C ARG A 471 -25.50 8.49 0.88
N ASP A 472 -26.39 8.61 -0.10
CA ASP A 472 -26.39 7.72 -1.24
C ASP A 472 -25.78 8.47 -2.41
N ASP A 473 -24.76 7.89 -3.03
CA ASP A 473 -24.13 8.53 -4.17
C ASP A 473 -24.32 7.70 -5.43
N LYS A 474 -24.41 8.40 -6.56
CA LYS A 474 -24.57 7.77 -7.86
C LYS A 474 -23.55 8.45 -8.76
N GLN A 475 -22.53 7.71 -9.15
CA GLN A 475 -21.49 8.24 -9.99
C GLN A 475 -21.17 7.35 -11.18
N PHE A 476 -20.92 7.99 -12.30
CA PHE A 476 -20.59 7.29 -13.51
C PHE A 476 -19.17 7.70 -13.87
N THR A 477 -18.33 6.73 -14.24
CA THR A 477 -16.97 7.04 -14.63
C THR A 477 -16.66 6.23 -15.88
N TRP A 478 -15.70 6.71 -16.65
CA TRP A 478 -15.29 5.99 -17.86
C TRP A 478 -13.80 6.20 -18.13
N ARG A 479 -13.29 5.46 -19.11
CA ARG A 479 -11.88 5.55 -19.48
C ARG A 479 -11.73 5.15 -20.94
N GLY A 480 -10.92 5.92 -21.66
CA GLY A 480 -10.67 5.63 -23.06
C GLY A 480 -9.20 5.84 -23.34
N GLY A 481 -8.63 5.03 -24.23
CA GLY A 481 -7.23 5.17 -24.55
C GLY A 481 -6.87 4.42 -25.83
N VAL A 482 -5.70 4.73 -26.39
CA VAL A 482 -5.26 4.08 -27.61
C VAL A 482 -3.80 3.65 -27.50
N ASN A 483 -3.52 2.45 -27.99
CA ASN A 483 -2.18 1.89 -27.99
C ASN A 483 -1.82 1.53 -29.43
N TYR A 484 -0.60 1.87 -29.84
CA TYR A 484 -0.13 1.54 -31.19
C TYR A 484 1.03 0.58 -31.03
N LEU A 485 0.91 -0.61 -31.63
CA LEU A 485 1.94 -1.62 -31.51
C LEU A 485 2.85 -1.79 -32.72
N PHE A 486 4.04 -1.18 -32.69
CA PHE A 486 4.97 -1.32 -33.80
C PHE A 486 5.59 -2.71 -33.73
N ASP A 487 5.83 -3.32 -34.88
CA ASP A 487 6.40 -4.66 -34.95
C ASP A 487 7.80 -4.79 -34.36
N ASN A 488 8.21 -3.82 -33.55
CA ASN A 488 9.54 -3.84 -32.95
C ASN A 488 9.49 -3.89 -31.42
N GLY A 489 8.28 -3.86 -30.88
CA GLY A 489 8.12 -3.90 -29.44
C GLY A 489 7.76 -2.55 -28.84
N VAL A 490 8.13 -1.48 -29.52
CA VAL A 490 7.83 -0.13 -29.04
C VAL A 490 6.37 0.17 -29.28
N THR A 491 5.66 0.57 -28.23
CA THR A 491 4.25 0.88 -28.37
C THR A 491 3.80 2.10 -27.57
N PRO A 492 3.68 3.26 -28.25
CA PRO A 492 3.25 4.47 -27.56
C PRO A 492 1.79 4.31 -27.22
N TYR A 493 1.23 5.29 -26.52
CA TYR A 493 -0.17 5.22 -26.15
C TYR A 493 -0.56 6.47 -25.40
N PHE A 494 -1.86 6.61 -25.18
CA PHE A 494 -2.39 7.75 -24.45
C PHE A 494 -3.77 7.31 -23.97
N SER A 495 -4.31 8.00 -22.96
CA SER A 495 -5.61 7.65 -22.41
C SER A 495 -6.14 8.73 -21.49
N TYR A 496 -7.44 8.65 -21.22
CA TYR A 496 -8.13 9.58 -20.35
C TYR A 496 -8.96 8.70 -19.42
N SER A 497 -8.79 8.84 -18.10
CA SER A 497 -9.53 8.05 -17.13
C SER A 497 -10.07 8.87 -15.97
N GLU A 498 -11.20 8.44 -15.41
CA GLU A 498 -11.83 9.15 -14.30
C GLU A 498 -12.06 8.27 -13.06
N SER A 499 -12.32 8.94 -11.94
CA SER A 499 -12.58 8.27 -10.67
C SER A 499 -13.38 9.20 -9.77
N PHE A 500 -13.92 8.66 -8.69
CA PHE A 500 -14.68 9.44 -7.72
C PHE A 500 -14.40 8.89 -6.33
N GLU A 501 -14.47 9.74 -5.32
CA GLU A 501 -14.23 9.29 -3.96
C GLU A 501 -15.17 9.96 -2.97
N PRO A 502 -16.18 9.21 -2.50
CA PRO A 502 -17.14 9.74 -1.54
C PRO A 502 -16.43 10.33 -0.33
N SER A 503 -17.11 11.25 0.34
CA SER A 503 -16.56 11.87 1.52
C SER A 503 -17.32 11.26 2.70
N SER A 504 -16.78 11.39 3.90
CA SER A 504 -17.42 10.87 5.09
C SER A 504 -17.54 12.01 6.09
N GLN A 505 -17.20 13.21 5.61
CA GLN A 505 -17.23 14.43 6.40
C GLN A 505 -18.60 15.11 6.33
N VAL A 506 -19.00 15.75 7.41
CA VAL A 506 -20.28 16.45 7.48
C VAL A 506 -20.03 17.95 7.51
N GLY A 507 -20.94 18.73 6.96
CA GLY A 507 -20.77 20.18 6.95
C GLY A 507 -21.77 20.95 7.79
N LYS A 508 -21.69 22.27 7.72
CA LYS A 508 -22.57 23.17 8.47
C LYS A 508 -24.01 22.69 8.48
N ASP A 509 -24.56 22.44 7.29
CA ASP A 509 -25.94 21.98 7.15
C ASP A 509 -26.20 20.56 7.65
N GLY A 510 -25.24 20.00 8.37
CA GLY A 510 -25.40 18.65 8.89
C GLY A 510 -25.54 17.57 7.83
N ASN A 511 -24.84 17.76 6.71
CA ASN A 511 -24.88 16.80 5.61
C ASN A 511 -23.48 16.37 5.19
N ILE A 512 -23.38 15.13 4.72
CA ILE A 512 -22.11 14.61 4.24
C ILE A 512 -21.84 15.28 2.89
N PHE A 513 -20.61 15.73 2.69
CA PHE A 513 -20.25 16.40 1.44
C PHE A 513 -20.38 15.49 0.22
N ALA A 514 -20.22 16.08 -0.96
CA ALA A 514 -20.31 15.36 -2.22
C ALA A 514 -18.95 14.73 -2.49
N PRO A 515 -18.92 13.62 -3.25
CA PRO A 515 -17.65 12.98 -3.54
C PRO A 515 -16.72 13.83 -4.40
N SER A 516 -15.43 13.80 -4.07
CA SER A 516 -14.45 14.53 -4.85
C SER A 516 -14.29 13.67 -6.10
N LYS A 517 -13.62 14.19 -7.12
CA LYS A 517 -13.44 13.44 -8.36
C LYS A 517 -12.02 13.43 -8.86
N GLY A 518 -11.73 12.52 -9.77
CA GLY A 518 -10.40 12.43 -10.32
C GLY A 518 -10.45 12.34 -11.83
N LYS A 519 -9.61 13.14 -12.48
CA LYS A 519 -9.52 13.16 -13.94
C LYS A 519 -8.06 13.19 -14.35
N GLN A 520 -7.66 12.24 -15.19
CA GLN A 520 -6.27 12.16 -15.63
C GLN A 520 -6.07 12.00 -17.14
N TYR A 521 -5.03 12.66 -17.65
CA TYR A 521 -4.67 12.56 -19.05
C TYR A 521 -3.29 11.96 -18.98
N GLU A 522 -3.03 10.98 -19.83
CA GLU A 522 -1.72 10.36 -19.80
C GLU A 522 -1.25 9.95 -21.19
N VAL A 523 0.04 10.15 -21.43
CA VAL A 523 0.66 9.80 -22.69
C VAL A 523 1.95 9.11 -22.28
N GLY A 524 2.33 8.06 -23.01
CA GLY A 524 3.54 7.37 -22.67
C GLY A 524 3.95 6.38 -23.74
N VAL A 525 4.97 5.58 -23.43
CA VAL A 525 5.46 4.57 -24.36
C VAL A 525 5.89 3.37 -23.54
N LYS A 526 5.75 2.19 -24.12
CA LYS A 526 6.14 0.96 -23.45
C LYS A 526 6.94 0.11 -24.42
N TYR A 527 8.09 -0.39 -23.98
CA TYR A 527 8.92 -1.23 -24.81
C TYR A 527 8.94 -2.65 -24.25
N VAL A 528 8.42 -3.60 -25.02
CA VAL A 528 8.37 -4.99 -24.62
C VAL A 528 8.66 -5.94 -25.79
N PRO A 529 9.94 -6.26 -26.00
CA PRO A 529 10.33 -7.16 -27.10
C PRO A 529 9.89 -8.60 -26.80
N GLU A 530 9.42 -9.29 -27.84
CA GLU A 530 8.95 -10.67 -27.67
C GLU A 530 10.09 -11.69 -27.69
N ASP A 531 11.32 -11.19 -27.88
CA ASP A 531 12.49 -12.04 -27.93
C ASP A 531 13.29 -11.95 -26.63
N ARG A 532 13.37 -10.74 -26.08
CA ARG A 532 14.10 -10.48 -24.85
C ARG A 532 13.16 -10.28 -23.66
N PRO A 533 13.62 -10.66 -22.46
CA PRO A 533 12.82 -10.53 -21.24
C PRO A 533 12.98 -9.13 -20.64
N ILE A 534 12.74 -8.09 -21.42
CA ILE A 534 12.89 -6.75 -20.89
C ILE A 534 11.60 -5.96 -20.95
N VAL A 535 11.44 -5.01 -20.02
CA VAL A 535 10.27 -4.16 -19.96
C VAL A 535 10.70 -2.77 -19.51
N VAL A 536 10.40 -1.77 -20.33
CA VAL A 536 10.75 -0.39 -20.02
C VAL A 536 9.55 0.50 -20.31
N THR A 537 9.24 1.37 -19.35
CA THR A 537 8.08 2.23 -19.49
C THR A 537 8.39 3.67 -19.18
N GLY A 538 7.61 4.54 -19.79
CA GLY A 538 7.76 5.97 -19.59
C GLY A 538 6.36 6.56 -19.70
N ALA A 539 6.09 7.63 -18.96
CA ALA A 539 4.78 8.23 -19.03
C ALA A 539 4.81 9.66 -18.52
N VAL A 540 3.88 10.46 -19.05
CA VAL A 540 3.72 11.85 -18.67
C VAL A 540 2.23 11.92 -18.39
N TYR A 541 1.83 12.61 -17.33
CA TYR A 541 0.41 12.64 -16.99
C TYR A 541 -0.03 13.95 -16.36
N ASN A 542 -1.35 14.15 -16.34
CA ASN A 542 -1.94 15.32 -15.73
C ASN A 542 -3.12 14.83 -14.92
N LEU A 543 -2.89 14.64 -13.64
CA LEU A 543 -3.92 14.16 -12.73
C LEU A 543 -4.38 15.34 -11.91
N THR A 544 -5.70 15.43 -11.72
CA THR A 544 -6.27 16.52 -10.94
C THR A 544 -7.45 16.02 -10.13
N LYS A 545 -7.51 16.45 -8.87
CA LYS A 545 -8.58 16.04 -7.95
C LYS A 545 -9.47 17.24 -7.67
N THR A 546 -10.72 17.18 -8.10
CA THR A 546 -11.64 18.30 -7.88
C THR A 546 -12.66 18.05 -6.78
N ASN A 547 -13.27 19.13 -6.33
CA ASN A 547 -14.26 19.08 -5.25
C ASN A 547 -13.64 18.55 -3.97
N ASN A 548 -12.38 18.93 -3.76
CA ASN A 548 -11.63 18.56 -2.58
C ASN A 548 -12.14 19.42 -1.42
N LEU A 549 -12.08 18.91 -0.19
CA LEU A 549 -12.55 19.68 0.95
C LEU A 549 -11.49 20.69 1.40
N MET A 550 -11.92 21.88 1.80
CA MET A 550 -11.01 22.92 2.25
C MET A 550 -11.59 23.79 3.36
N ALA A 551 -10.75 24.67 3.91
CA ALA A 551 -11.16 25.56 4.99
C ALA A 551 -12.29 26.50 4.59
N ASP A 552 -13.15 26.81 5.55
CA ASP A 552 -14.27 27.70 5.33
C ASP A 552 -13.82 29.16 5.30
N PRO A 553 -14.21 29.91 4.25
CA PRO A 553 -13.84 31.32 4.12
C PRO A 553 -14.47 32.16 5.23
N GLU A 554 -15.32 31.53 6.03
CA GLU A 554 -15.95 32.22 7.16
C GLU A 554 -15.15 31.86 8.39
N GLY A 555 -14.69 30.61 8.44
CA GLY A 555 -13.91 30.13 9.57
C GLY A 555 -14.84 29.66 10.67
N SER A 556 -15.74 28.74 10.34
CA SER A 556 -16.70 28.21 11.31
C SER A 556 -16.36 26.81 11.79
N PHE A 557 -15.07 26.51 11.86
CA PHE A 557 -14.64 25.18 12.31
C PHE A 557 -15.15 24.07 11.40
N PHE A 558 -15.85 24.43 10.35
CA PHE A 558 -16.35 23.44 9.40
C PHE A 558 -15.55 23.54 8.12
N SER A 559 -15.68 22.52 7.27
CA SER A 559 -14.96 22.49 6.01
C SER A 559 -15.93 22.78 4.87
N VAL A 560 -15.40 23.26 3.75
CA VAL A 560 -16.21 23.57 2.60
C VAL A 560 -15.75 22.76 1.39
N GLU A 561 -16.53 22.81 0.31
CA GLU A 561 -16.19 22.08 -0.91
C GLU A 561 -15.58 22.99 -1.98
N GLY A 562 -15.28 22.40 -3.13
CA GLY A 562 -14.73 23.18 -4.23
C GLY A 562 -13.22 23.27 -4.29
N GLY A 563 -12.53 22.59 -3.38
CA GLY A 563 -11.08 22.63 -3.40
C GLY A 563 -10.55 21.88 -4.61
N GLU A 564 -9.27 22.07 -4.94
CA GLU A 564 -8.69 21.39 -6.09
C GLU A 564 -7.18 21.23 -5.98
N ILE A 565 -6.70 20.04 -6.31
CA ILE A 565 -5.27 19.75 -6.27
C ILE A 565 -4.87 19.20 -7.61
N ARG A 566 -3.70 19.63 -8.09
CA ARG A 566 -3.21 19.20 -9.39
C ARG A 566 -1.86 18.54 -9.28
N ALA A 567 -1.73 17.41 -9.95
CA ALA A 567 -0.50 16.64 -9.96
C ALA A 567 -0.13 16.34 -11.40
N ARG A 568 1.14 16.54 -11.74
CA ARG A 568 1.62 16.30 -13.09
C ARG A 568 3.08 15.87 -12.97
N GLY A 569 3.49 14.90 -13.77
CA GLY A 569 4.87 14.46 -13.68
C GLY A 569 5.30 13.44 -14.71
N VAL A 570 6.52 12.95 -14.54
CA VAL A 570 7.08 11.97 -15.46
C VAL A 570 7.54 10.75 -14.68
N GLU A 571 7.36 9.58 -15.28
CA GLU A 571 7.76 8.33 -14.67
C GLU A 571 8.36 7.46 -15.75
N ILE A 572 9.47 6.82 -15.42
CA ILE A 572 10.12 5.93 -16.35
C ILE A 572 10.63 4.78 -15.50
N GLU A 573 10.32 3.56 -15.91
CA GLU A 573 10.75 2.38 -15.18
C GLU A 573 11.32 1.36 -16.14
N ALA A 574 12.33 0.62 -15.70
CA ALA A 574 12.95 -0.41 -16.51
C ALA A 574 13.30 -1.60 -15.63
N LYS A 575 13.08 -2.80 -16.15
CA LYS A 575 13.38 -4.04 -15.45
C LYS A 575 13.70 -5.07 -16.51
N ARG A 576 14.82 -5.76 -16.35
CA ARG A 576 15.18 -6.77 -17.32
C ARG A 576 16.40 -7.58 -16.98
N PRO A 577 16.41 -8.86 -17.40
CA PRO A 577 17.51 -9.78 -17.18
C PRO A 577 18.25 -9.80 -18.51
N LEU A 578 19.17 -8.86 -18.68
CA LEU A 578 19.95 -8.77 -19.91
C LEU A 578 20.51 -10.13 -20.28
N SER A 579 20.86 -10.91 -19.28
CA SER A 579 21.42 -12.24 -19.49
C SER A 579 20.98 -13.18 -18.36
N ALA A 580 21.52 -14.39 -18.36
CA ALA A 580 21.18 -15.36 -17.33
C ALA A 580 21.88 -15.04 -16.01
N SER A 581 22.83 -14.13 -16.04
CA SER A 581 23.56 -13.79 -14.82
C SER A 581 23.41 -12.34 -14.40
N VAL A 582 22.62 -11.57 -15.13
CA VAL A 582 22.43 -10.18 -14.81
C VAL A 582 21.00 -9.68 -14.87
N ASN A 583 20.55 -9.11 -13.76
CA ASN A 583 19.21 -8.55 -13.67
C ASN A 583 19.36 -7.06 -13.36
N VAL A 584 18.47 -6.26 -13.92
CA VAL A 584 18.53 -4.83 -13.67
C VAL A 584 17.15 -4.25 -13.41
N VAL A 585 17.08 -3.38 -12.40
CA VAL A 585 15.85 -2.72 -12.04
C VAL A 585 16.22 -1.28 -11.74
N GLY A 586 15.42 -0.35 -12.26
CA GLY A 586 15.71 1.05 -12.03
C GLY A 586 14.48 1.84 -12.39
N SER A 587 14.31 3.01 -11.78
CA SER A 587 13.15 3.84 -12.05
C SER A 587 13.45 5.30 -11.75
N TYR A 588 12.63 6.18 -12.30
CA TYR A 588 12.77 7.61 -12.07
C TYR A 588 11.38 8.22 -11.96
N THR A 589 11.23 9.16 -11.03
CA THR A 589 9.95 9.80 -10.84
C THR A 589 10.10 11.28 -10.59
N TYR A 590 9.31 12.05 -11.31
CA TYR A 590 9.27 13.48 -11.14
C TYR A 590 7.80 13.73 -10.94
N THR A 591 7.46 14.37 -9.84
CA THR A 591 6.06 14.64 -9.54
C THR A 591 5.90 16.04 -8.96
N ASP A 592 5.07 16.83 -9.64
CA ASP A 592 4.79 18.20 -9.25
C ASP A 592 3.32 18.32 -8.86
N ALA A 593 3.06 18.25 -7.56
CA ALA A 593 1.71 18.36 -7.03
C ALA A 593 1.53 19.74 -6.44
N GLU A 594 0.32 20.28 -6.55
CA GLU A 594 0.06 21.61 -6.04
C GLU A 594 -1.42 21.89 -5.86
N TYR A 595 -1.73 22.74 -4.87
CA TYR A 595 -3.11 23.13 -4.63
C TYR A 595 -3.41 24.24 -5.62
N THR A 596 -4.40 24.01 -6.49
CA THR A 596 -4.76 25.02 -7.47
C THR A 596 -5.96 25.83 -7.00
N THR A 597 -6.58 25.37 -5.92
CA THR A 597 -7.75 26.04 -5.36
C THR A 597 -7.97 25.56 -3.93
N ASP A 598 -7.52 26.36 -2.98
CA ASP A 598 -7.67 26.03 -1.57
C ASP A 598 -7.63 27.33 -0.77
N THR A 599 -8.72 27.59 -0.05
CA THR A 599 -8.84 28.80 0.74
C THR A 599 -7.71 28.99 1.75
N THR A 600 -6.78 28.05 1.81
CA THR A 600 -5.69 28.16 2.77
C THR A 600 -4.30 27.78 2.25
N TYR A 601 -4.24 26.77 1.38
CA TYR A 601 -2.95 26.32 0.88
C TYR A 601 -2.75 26.45 -0.63
N LYS A 602 -3.38 27.43 -1.24
CA LYS A 602 -3.23 27.63 -2.67
C LYS A 602 -1.77 27.92 -3.00
N GLY A 603 -1.20 27.13 -3.90
CA GLY A 603 0.19 27.34 -4.30
C GLY A 603 1.15 26.38 -3.61
N ASN A 604 0.72 25.81 -2.50
CA ASN A 604 1.55 24.88 -1.75
C ASN A 604 1.50 23.48 -2.36
N THR A 605 2.36 22.60 -1.85
CA THR A 605 2.38 21.21 -2.31
C THR A 605 2.03 20.34 -1.10
N PRO A 606 1.21 19.29 -1.32
CA PRO A 606 0.81 18.41 -0.22
C PRO A 606 2.04 17.85 0.52
N ALA A 607 1.89 17.66 1.84
CA ALA A 607 2.99 17.15 2.65
C ALA A 607 3.26 15.67 2.34
N GLN A 608 4.47 15.23 2.62
CA GLN A 608 4.90 13.85 2.40
C GLN A 608 5.00 13.46 0.93
N VAL A 609 4.89 14.45 0.04
CA VAL A 609 4.99 14.20 -1.38
C VAL A 609 6.27 14.80 -1.93
N PRO A 610 7.26 13.95 -2.28
CA PRO A 610 8.52 14.46 -2.82
C PRO A 610 8.42 14.76 -4.31
N LYS A 611 9.24 15.69 -4.78
CA LYS A 611 9.26 16.09 -6.18
C LYS A 611 10.08 15.11 -7.03
N HIS A 612 11.16 14.60 -6.46
CA HIS A 612 12.03 13.66 -7.17
C HIS A 612 12.27 12.38 -6.38
N MET A 613 12.38 11.28 -7.11
CA MET A 613 12.66 9.97 -6.54
C MET A 613 13.36 9.22 -7.65
N ALA A 614 14.20 8.26 -7.30
CA ALA A 614 14.90 7.48 -8.30
C ALA A 614 15.54 6.28 -7.64
N SER A 615 15.68 5.20 -8.39
CA SER A 615 16.28 3.98 -7.83
C SER A 615 16.92 3.17 -8.95
N LEU A 616 17.94 2.39 -8.57
CA LEU A 616 18.66 1.55 -9.50
C LEU A 616 19.20 0.34 -8.76
N TRP A 617 18.98 -0.84 -9.30
CA TRP A 617 19.43 -2.07 -8.67
C TRP A 617 20.00 -3.02 -9.71
N ALA A 618 20.97 -3.83 -9.29
CA ALA A 618 21.58 -4.81 -10.17
C ALA A 618 22.24 -5.92 -9.38
N ASP A 619 22.14 -7.14 -9.90
CA ASP A 619 22.75 -8.29 -9.27
C ASP A 619 23.41 -9.12 -10.36
N TYR A 620 24.51 -9.78 -10.02
CA TYR A 620 25.26 -10.59 -10.98
C TYR A 620 25.46 -11.97 -10.39
N THR A 621 25.39 -13.00 -11.24
CA THR A 621 25.57 -14.37 -10.78
C THR A 621 26.71 -15.08 -11.52
N PHE A 622 27.63 -15.67 -10.77
CA PHE A 622 28.76 -16.38 -11.36
C PHE A 622 28.39 -17.83 -11.62
N PHE A 623 28.71 -18.32 -12.81
CA PHE A 623 28.42 -19.70 -13.17
C PHE A 623 29.72 -20.48 -13.31
N ASP A 624 30.83 -19.76 -13.37
CA ASP A 624 32.15 -20.38 -13.50
C ASP A 624 33.16 -19.74 -12.55
N GLY A 625 34.42 -20.06 -12.78
CA GLY A 625 35.48 -19.51 -11.95
C GLY A 625 35.34 -20.02 -10.53
N PRO A 626 36.16 -19.54 -9.60
CA PRO A 626 36.11 -19.98 -8.21
C PRO A 626 34.88 -19.46 -7.45
N LEU A 627 34.25 -18.41 -7.99
CA LEU A 627 33.08 -17.82 -7.34
C LEU A 627 31.75 -18.47 -7.72
N SER A 628 31.80 -19.48 -8.57
CA SER A 628 30.59 -20.16 -9.04
C SER A 628 29.48 -20.28 -7.99
N GLY A 629 28.24 -20.07 -8.43
CA GLY A 629 27.10 -20.17 -7.55
C GLY A 629 26.93 -18.98 -6.61
N LEU A 630 27.67 -17.92 -6.89
CA LEU A 630 27.61 -16.73 -6.05
C LEU A 630 26.85 -15.62 -6.76
N THR A 631 25.94 -14.97 -6.05
CA THR A 631 25.18 -13.87 -6.62
C THR A 631 25.46 -12.64 -5.75
N LEU A 632 25.81 -11.53 -6.41
CA LEU A 632 26.11 -10.30 -5.72
C LEU A 632 25.23 -9.21 -6.30
N GLY A 633 24.62 -8.41 -5.43
CA GLY A 633 23.76 -7.36 -5.90
C GLY A 633 23.89 -6.11 -5.06
N THR A 634 23.39 -5.00 -5.57
CA THR A 634 23.45 -3.74 -4.85
C THR A 634 22.57 -2.76 -5.59
N GLY A 635 22.07 -1.77 -4.86
CA GLY A 635 21.21 -0.78 -5.47
C GLY A 635 21.12 0.42 -4.55
N GLY A 636 20.44 1.46 -5.00
CA GLY A 636 20.29 2.65 -4.20
C GLY A 636 18.92 3.23 -4.45
N ARG A 637 18.39 3.95 -3.47
CA ARG A 637 17.08 4.57 -3.60
C ARG A 637 17.17 6.00 -3.12
N TYR A 638 16.92 6.93 -4.03
CA TYR A 638 16.98 8.36 -3.70
C TYR A 638 15.61 8.98 -3.57
N THR A 639 15.37 9.65 -2.46
CA THR A 639 14.10 10.30 -2.22
C THR A 639 14.38 11.79 -2.10
N GLY A 640 13.73 12.58 -2.95
CA GLY A 640 13.92 14.01 -2.94
C GLY A 640 13.42 14.60 -1.64
N SER A 641 13.58 15.91 -1.48
CA SER A 641 13.12 16.57 -0.27
C SER A 641 11.61 16.73 -0.40
N SER A 642 10.95 17.05 0.70
CA SER A 642 9.50 17.23 0.70
C SER A 642 9.09 18.18 1.82
N TYR A 643 7.83 18.60 1.80
CA TYR A 643 7.31 19.51 2.81
C TYR A 643 6.74 18.73 3.99
N GLY A 644 7.02 19.22 5.20
CA GLY A 644 6.57 18.55 6.40
C GLY A 644 5.17 18.89 6.88
N ASP A 645 4.46 19.75 6.14
CA ASP A 645 3.10 20.13 6.52
C ASP A 645 2.40 20.80 5.36
N PRO A 646 1.06 20.86 5.40
CA PRO A 646 0.33 21.51 4.30
C PRO A 646 0.60 23.01 4.17
N ALA A 647 1.10 23.63 5.23
CA ALA A 647 1.40 25.06 5.20
C ALA A 647 2.79 25.33 4.61
N ASN A 648 3.53 24.26 4.33
CA ASN A 648 4.88 24.35 3.77
C ASN A 648 5.82 25.21 4.62
N SER A 649 5.64 25.17 5.93
CA SER A 649 6.47 25.94 6.84
C SER A 649 7.87 25.37 7.07
N PHE A 650 8.12 24.18 6.55
CA PHE A 650 9.44 23.56 6.70
C PHE A 650 9.59 22.39 5.75
N LYS A 651 10.83 21.97 5.51
CA LYS A 651 11.06 20.87 4.60
C LYS A 651 11.80 19.71 5.23
N VAL A 652 11.54 18.53 4.69
CA VAL A 652 12.19 17.31 5.14
C VAL A 652 13.29 17.06 4.12
N GLY A 653 14.52 16.95 4.59
CA GLY A 653 15.65 16.73 3.71
C GLY A 653 15.62 15.45 2.89
N SER A 654 16.18 15.52 1.69
CA SER A 654 16.24 14.36 0.81
C SER A 654 17.20 13.36 1.43
N TYR A 655 17.18 12.14 0.92
CA TYR A 655 18.05 11.10 1.45
C TYR A 655 18.28 9.99 0.45
N THR A 656 19.39 9.29 0.61
CA THR A 656 19.73 8.19 -0.26
C THR A 656 20.08 6.98 0.60
N VAL A 657 19.53 5.83 0.22
CA VAL A 657 19.76 4.59 0.95
C VAL A 657 20.30 3.55 -0.02
N VAL A 658 21.26 2.75 0.43
CA VAL A 658 21.86 1.74 -0.42
C VAL A 658 21.56 0.33 0.10
N ASP A 659 21.26 -0.60 -0.80
CA ASP A 659 20.98 -1.97 -0.42
C ASP A 659 22.02 -2.91 -1.02
N ALA A 660 22.14 -4.10 -0.43
CA ALA A 660 23.11 -5.06 -0.93
C ALA A 660 22.61 -6.47 -0.74
N LEU A 661 23.16 -7.40 -1.51
CA LEU A 661 22.77 -8.80 -1.43
C LEU A 661 23.90 -9.77 -1.74
N VAL A 662 23.92 -10.87 -1.00
CA VAL A 662 24.91 -11.92 -1.19
C VAL A 662 24.16 -13.26 -1.07
N ARG A 663 23.88 -13.86 -2.21
CA ARG A 663 23.18 -15.14 -2.27
C ARG A 663 24.15 -16.23 -2.72
N TYR A 664 24.02 -17.42 -2.14
CA TYR A 664 24.89 -18.55 -2.51
C TYR A 664 24.11 -19.81 -2.81
N ASP A 665 24.02 -20.14 -4.10
CA ASP A 665 23.31 -21.34 -4.54
C ASP A 665 23.94 -22.57 -3.91
N LEU A 666 23.15 -23.33 -3.17
CA LEU A 666 23.68 -24.51 -2.50
C LEU A 666 23.77 -25.74 -3.38
N ALA A 667 23.96 -25.54 -4.68
CA ALA A 667 24.08 -26.68 -5.59
C ALA A 667 25.48 -27.25 -5.48
N ARG A 668 26.44 -26.37 -5.21
CA ARG A 668 27.84 -26.76 -5.09
C ARG A 668 28.07 -27.76 -3.95
N VAL A 669 27.24 -27.68 -2.92
CA VAL A 669 27.40 -28.58 -1.77
C VAL A 669 26.46 -29.77 -1.77
N GLY A 670 25.74 -29.97 -2.88
CA GLY A 670 24.83 -31.11 -2.95
C GLY A 670 23.35 -30.85 -2.67
N MET A 671 22.92 -29.59 -2.76
CA MET A 671 21.52 -29.24 -2.52
C MET A 671 20.98 -28.23 -3.53
N ALA A 672 20.58 -28.73 -4.70
CA ALA A 672 20.06 -27.87 -5.74
C ALA A 672 18.77 -27.19 -5.31
N GLY A 673 18.46 -26.07 -5.96
CA GLY A 673 17.24 -25.35 -5.65
C GLY A 673 17.26 -24.55 -4.36
N SER A 674 18.14 -24.92 -3.43
CA SER A 674 18.23 -24.23 -2.14
C SER A 674 19.33 -23.17 -2.13
N ASN A 675 19.21 -22.22 -1.22
CA ASN A 675 20.23 -21.18 -1.09
C ASN A 675 20.30 -20.53 0.28
N VAL A 676 21.38 -19.77 0.48
CA VAL A 676 21.66 -19.04 1.70
C VAL A 676 22.00 -17.65 1.24
N ALA A 677 21.53 -16.63 1.96
CA ALA A 677 21.81 -15.28 1.54
C ALA A 677 21.96 -14.29 2.68
N LEU A 678 22.49 -13.13 2.34
CA LEU A 678 22.70 -12.07 3.30
C LEU A 678 22.10 -10.83 2.66
N HIS A 679 21.13 -10.22 3.32
CA HIS A 679 20.48 -9.03 2.79
C HIS A 679 20.81 -7.83 3.65
N VAL A 680 21.01 -6.69 3.02
CA VAL A 680 21.32 -5.47 3.75
C VAL A 680 20.56 -4.29 3.20
N ASN A 681 19.75 -3.66 4.05
CA ASN A 681 18.98 -2.48 3.68
C ASN A 681 19.61 -1.34 4.46
N ASN A 682 19.82 -0.22 3.77
CA ASN A 682 20.46 0.95 4.35
C ASN A 682 21.84 0.54 4.82
N LEU A 683 22.63 0.03 3.88
CA LEU A 683 23.99 -0.45 4.12
C LEU A 683 24.87 0.49 4.93
N PHE A 684 24.81 1.78 4.62
CA PHE A 684 25.64 2.77 5.32
C PHE A 684 25.00 3.32 6.59
N ASP A 685 23.96 2.67 7.06
CA ASP A 685 23.27 3.08 8.28
C ASP A 685 22.94 4.57 8.29
N ARG A 686 22.50 5.09 7.15
CA ARG A 686 22.13 6.49 7.01
C ARG A 686 21.00 6.82 7.99
N GLU A 687 21.14 7.95 8.68
CA GLU A 687 20.16 8.38 9.66
C GLU A 687 19.37 9.54 9.08
N TYR A 688 18.12 9.29 8.70
CA TYR A 688 17.27 10.31 8.09
C TYR A 688 15.80 10.32 8.52
N VAL A 689 15.17 11.46 8.35
CA VAL A 689 13.77 11.59 8.65
C VAL A 689 13.05 11.24 7.35
N ALA A 690 12.30 10.15 7.36
CA ALA A 690 11.57 9.70 6.17
C ALA A 690 10.55 10.73 5.68
N SER A 691 9.81 11.34 6.61
CA SER A 691 8.81 12.33 6.24
C SER A 691 8.05 12.83 7.48
N CYS A 692 7.20 13.81 7.27
CA CYS A 692 6.37 14.39 8.33
C CYS A 692 5.09 14.84 7.66
N PHE A 693 3.95 14.68 8.35
CA PHE A 693 2.69 15.10 7.78
C PHE A 693 2.29 16.44 8.42
N ASN A 694 3.09 16.85 9.40
CA ASN A 694 2.90 18.10 10.11
C ASN A 694 4.08 18.31 11.05
N THR A 695 4.19 19.51 11.63
CA THR A 695 5.30 19.85 12.52
C THR A 695 5.44 18.90 13.72
N TYR A 696 4.32 18.32 14.13
CA TYR A 696 4.32 17.41 15.28
C TYR A 696 4.17 15.95 14.88
N GLY A 697 4.32 15.67 13.57
CA GLY A 697 4.19 14.30 13.09
C GLY A 697 5.28 13.85 12.14
N CYS A 698 6.46 13.58 12.69
CA CYS A 698 7.61 13.14 11.89
C CYS A 698 8.03 11.69 12.19
N PHE A 699 8.69 11.03 11.24
CA PHE A 699 9.09 9.64 11.42
C PHE A 699 10.51 9.35 10.98
N TRP A 700 11.29 8.71 11.86
CA TRP A 700 12.65 8.36 11.51
C TRP A 700 12.59 7.25 10.47
N GLY A 701 13.53 7.26 9.54
CA GLY A 701 13.57 6.24 8.52
C GLY A 701 14.19 5.03 9.17
N ALA A 702 14.18 3.91 8.47
CA ALA A 702 14.73 2.68 9.01
C ALA A 702 16.24 2.68 9.07
N GLU A 703 16.80 2.26 10.20
CA GLU A 703 18.25 2.20 10.33
C GLU A 703 18.69 0.90 9.65
N ARG A 704 19.99 0.73 9.47
CA ARG A 704 20.51 -0.44 8.80
C ARG A 704 19.88 -1.75 9.26
N GLN A 705 19.52 -2.59 8.29
CA GLN A 705 18.94 -3.89 8.60
C GLN A 705 19.73 -4.96 7.88
N VAL A 706 20.08 -6.03 8.60
CA VAL A 706 20.82 -7.12 7.99
C VAL A 706 20.10 -8.42 8.29
N VAL A 707 19.69 -9.11 7.24
CA VAL A 707 18.97 -10.37 7.38
C VAL A 707 19.70 -11.55 6.75
N ALA A 708 19.79 -12.63 7.51
CA ALA A 708 20.41 -13.86 7.03
C ALA A 708 19.26 -14.79 6.67
N THR A 709 19.27 -15.27 5.43
CA THR A 709 18.21 -16.15 4.97
C THR A 709 18.69 -17.50 4.47
N ALA A 710 17.95 -18.53 4.83
CA ALA A 710 18.26 -19.88 4.37
C ALA A 710 16.95 -20.48 3.92
N THR A 711 16.79 -20.63 2.61
CA THR A 711 15.56 -21.22 2.11
C THR A 711 15.92 -22.55 1.47
N PHE A 712 15.35 -23.62 2.03
CA PHE A 712 15.59 -24.97 1.55
C PHE A 712 14.38 -25.55 0.85
N ARG A 713 14.63 -26.21 -0.27
CA ARG A 713 13.55 -26.83 -1.03
C ARG A 713 13.85 -28.31 -1.17
N PHE A 714 12.94 -29.14 -0.70
CA PHE A 714 13.13 -30.58 -0.76
C PHE A 714 12.42 -31.19 -1.95
C AHO B 1 -6.08 13.20 15.33
CA AHO B 1 -6.21 11.72 15.55
C3 AHO B 1 -4.90 11.06 15.98
C4 AHO B 1 -5.15 9.81 16.82
C5 AHO B 1 -3.88 8.92 16.98
C6 AHO B 1 -2.01 8.28 15.39
C7 AHO B 1 -0.91 8.47 16.32
N AHO B 1 -6.72 10.99 14.37
N2 AHO B 1 -3.29 8.49 15.71
O AHO B 1 -5.32 13.86 16.02
O2 AHO B 1 -4.27 8.26 14.71
O3 AHO B 1 -1.78 7.92 14.19
C AHO B 2 -7.94 10.35 14.37
CA AHO B 2 -8.36 9.47 13.12
C3 AHO B 2 -7.83 8.06 13.41
C4 AHO B 2 -8.07 6.96 12.37
C5 AHO B 2 -7.17 6.92 11.09
C6 AHO B 2 -4.80 6.03 11.35
C7 AHO B 2 -5.10 4.58 10.93
N AHO B 2 -7.72 9.97 11.83
N2 AHO B 2 -5.71 6.98 11.40
O AHO B 2 -8.70 10.36 15.32
O2 AHO B 2 -5.33 8.23 11.78
O3 AHO B 2 -3.60 6.32 11.66
C AHO B 3 -8.07 11.21 11.29
CA AHO B 3 -7.29 11.48 9.98
C3 AHO B 3 -5.73 11.44 10.15
C4 AHO B 3 -5.19 12.53 11.08
C5 AHO B 3 -3.68 12.56 11.29
C6 AHO B 3 -2.22 10.51 10.87
C7 AHO B 3 -1.46 11.05 9.65
N AHO B 3 -7.72 12.79 9.50
N2 AHO B 3 -3.15 11.20 11.52
O AHO B 3 -8.89 11.95 11.80
O2 AHO B 3 -3.76 10.58 12.61
O3 AHO B 3 -1.93 9.31 11.26
N GLY B 4 -8.38 15.42 8.97
CA GLY B 4 -8.07 14.60 7.85
C GLY B 4 -7.65 13.20 8.19
N GLY B 5 -7.35 16.56 12.15
CA GLY B 5 -7.99 16.88 10.90
C GLY B 5 -7.39 16.04 9.73
N GLY B 6 -6.81 13.73 14.38
CA GLY B 6 -6.82 15.17 14.04
C GLY B 6 -7.54 15.40 12.74
C1 OES C . 12.58 -22.79 14.14
C2 OES C . 11.53 -22.21 15.04
C3 OES C . 11.57 -20.68 15.09
C4 OES C . 10.16 -20.06 15.02
C5 OES C . 9.85 -19.10 16.18
C6 OES C . 10.02 -17.64 15.78
C7 OES C . 9.74 -16.63 16.90
C8 OES C . 8.32 -16.59 17.53
S2 OES C . 8.24 -17.31 19.22
C22 OES C . 8.63 -15.97 20.40
C23 OES C . 7.57 -14.98 20.52
O2 OES C . 9.36 -18.27 19.16
O3 OES C . 7.95 -13.99 21.45
C1 OES D . 22.73 -18.78 12.72
C2 OES D . 22.63 -17.41 12.14
C3 OES D . 23.05 -16.34 13.15
C4 OES D . 22.58 -14.93 12.76
C5 OES D . 21.80 -14.25 13.88
C6 OES D . 22.72 -13.59 14.91
C7 OES D . 21.98 -12.90 16.05
C8 OES D . 21.05 -11.76 15.61
S2 OES D . 20.26 -10.95 17.04
C22 OES D . 21.35 -9.61 17.58
C23 OES D . 21.30 -8.51 16.61
O2 OES D . 20.30 -12.05 18.04
O3 OES D . 22.15 -7.47 17.03
C1 OES E . 8.15 -26.70 9.10
C2 OES E . 7.61 -27.98 8.56
C3 OES E . 8.51 -28.62 7.49
C4 OES E . 8.49 -30.15 7.52
C5 OES E . 8.89 -30.80 6.18
C6 OES E . 10.34 -31.33 6.19
C7 OES E . 10.78 -32.01 4.87
C8 OES E . 9.95 -33.26 4.48
S2 OES E . 9.14 -33.06 2.85
C22 OES E . 10.24 -33.70 1.55
C23 OES E . 10.30 -35.16 1.56
O2 OES E . 9.09 -31.59 2.79
O3 OES E . 11.14 -35.64 0.55
C1 OES F . 6.28 -23.55 12.73
C2 OES F . 6.85 -22.53 13.66
C3 OES F . 6.03 -22.38 14.95
C4 OES F . 6.62 -21.35 15.90
C5 OES F . 5.56 -20.69 16.79
C6 OES F . 5.81 -20.93 18.27
C7 OES F . 4.77 -20.29 19.20
C8 OES F . 4.66 -18.76 19.10
S2 OES F . 2.98 -18.16 19.53
C22 OES F . 2.92 -17.84 21.32
C23 OES F . 3.64 -16.62 21.66
O2 OES F . 2.22 -19.40 19.24
O3 OES F . 3.57 -16.40 23.05
C1 OES G . 25.35 -17.47 9.21
C2 OES G . 25.14 -18.00 7.83
C3 OES G . 24.12 -19.14 7.78
C4 OES G . 22.83 -18.76 7.04
C5 OES G . 21.58 -18.82 7.94
C6 OES G . 21.06 -20.26 8.10
C7 OES G . 19.82 -20.39 9.00
C8 OES G . 20.07 -19.91 10.44
S2 OES G . 18.91 -18.59 10.94
C22 OES G . 17.46 -19.36 11.71
C23 OES G . 17.80 -19.87 13.04
O2 OES G . 18.56 -18.07 9.60
O3 OES G . 16.66 -20.46 13.62
C1 OES H . 27.19 -21.24 5.84
C2 OES H . 27.14 -22.62 5.27
C3 OES H . 26.83 -22.63 3.77
C4 OES H . 27.44 -23.83 3.05
C5 OES H . 28.73 -23.48 2.30
C6 OES H . 29.80 -24.57 2.46
C7 OES H . 31.13 -24.29 1.73
C8 OES H . 30.99 -24.14 0.20
S2 OES H . 32.62 -24.12 -0.65
C22 OES H . 33.06 -25.82 -1.09
C23 OES H . 32.24 -26.30 -2.21
O2 OES H . 33.47 -23.66 0.47
O3 OES H . 32.58 -27.61 -2.57
C1 OES I . 3.94 -28.03 7.29
C2 OES I . 2.96 -28.90 6.58
C3 OES I . 3.59 -29.71 5.44
C4 OES I . 2.69 -30.86 4.94
C5 OES I . 3.42 -31.82 4.01
C6 OES I . 4.03 -33.03 4.75
C7 OES I . 4.77 -34.03 3.86
C8 OES I . 3.89 -34.67 2.77
S2 OES I . 4.43 -34.22 1.09
C22 OES I . 5.64 -35.47 0.56
C23 OES I . 4.97 -36.74 0.27
O2 OES I . 5.12 -32.94 1.36
O3 OES I . 5.90 -37.71 -0.13
C1 OES J . 2.65 -25.60 13.85
C2 OES J . 2.55 -24.71 15.05
C3 OES J . 1.11 -24.63 15.60
C4 OES J . 1.02 -23.86 16.92
C5 OES J . 0.32 -22.49 16.76
C6 OES J . -0.42 -22.05 18.03
C7 OES J . -1.14 -20.69 17.91
C8 OES J . -0.22 -19.49 17.60
S2 OES J . -1.12 -17.96 17.16
C22 OES J . -1.47 -17.02 18.68
C23 OES J . -0.24 -16.44 19.21
O2 OES J . -2.38 -18.56 16.63
O3 OES J . -0.54 -15.72 20.39
FE FE K . -3.45 8.48 12.67
#